data_5DJX
#
_entry.id   5DJX
#
_cell.length_a   59.880
_cell.length_b   65.605
_cell.length_c   78.282
_cell.angle_alpha   88.97
_cell.angle_beta   76.34
_cell.angle_gamma   88.00
#
_symmetry.space_group_name_H-M   'P 1'
#
loop_
_entity.id
_entity.type
_entity.pdbx_description
1 polymer 'Ig gamma-1 chain C region'
2 polymer 'Ig gamma-1 chain C region'
3 polymer 'Fc-III peptide'
4 branched beta-D-galactopyranose-(1-4)-2-acetamido-2-deoxy-beta-D-glucopyranose-(1-2)-alpha-D-mannopyranose-(1-6)-[alpha-D-mannopyranose-(1-3)]beta-D-mannopyranose-(1-4)-2-acetamido-2-deoxy-beta-D-glucopyranose-(1-4)-[alpha-L-fucopyranose-(1-6)]2-acetamido-2-deoxy-beta-D-glucopyranose
5 water water
#
loop_
_entity_poly.entity_id
_entity_poly.type
_entity_poly.pdbx_seq_one_letter_code
_entity_poly.pdbx_strand_id
1 'polypeptide(L)'
;DKTHTCPPCPAPELLGGPSVFLFPPKPKDTLMISRTPEVTCVVVDVSHEDPEVKFNWYVDGVEVHNAKTKPREEQYNSTY
RVVSVLTVLHQDWLNGKEYKCKVSNKALPAPIEKTISKAKGQPREPQVYTLPPSREEMTKNQVSLTCMVEGFYPSDIAVE
WESNGQPENNYKTTPPVLDSDGSFFLYSKLTVDKSRWQQGNVFSCSVMHEALHNHYTQKSLSLSPGK
;
A,D
2 'polypeptide(L)'
;HHHHHHHHSGSGSDKTHTCPPCPAPELLGGPSVFLFPPKPKDTLEASRTPEVTCVVVDVSHEDPEVKFNWYVDGVEVHNA
KTKPREEQYNSTYRVVSVLTVLHQDWLNGKEYKCKVSNKALPAPIEKTISKAKGQPREPQVYTLPPSREAMTKNQVGLTC
LVKGFYPSDIAVEWESNGQPENNYKTTPPVLDSDGSFFLYSKLTVDKSRWQQGNVFSCSVMHEALHNAYTQKSLSLSPGK
;
B,E
3 'polypeptide(L)' DCAWHLGELVWCT C,F
#
loop_
_chem_comp.id
_chem_comp.type
_chem_comp.name
_chem_comp.formula
BMA D-saccharide, beta linking beta-D-mannopyranose 'C6 H12 O6'
FUC L-saccharide, alpha linking alpha-L-fucopyranose 'C6 H12 O5'
GAL D-saccharide, beta linking beta-D-galactopyranose 'C6 H12 O6'
MAN D-saccharide, alpha linking alpha-D-mannopyranose 'C6 H12 O6'
NAG D-saccharide, beta linking 2-acetamido-2-deoxy-beta-D-glucopyranose 'C8 H15 N O6'
#
# COMPACT_ATOMS: atom_id res chain seq x y z
N GLY A 17 5.15 -17.43 17.96
CA GLY A 17 5.73 -16.11 17.57
C GLY A 17 5.06 -15.45 16.37
N PRO A 18 5.54 -14.25 16.01
CA PRO A 18 4.99 -13.46 14.90
C PRO A 18 5.07 -14.18 13.57
N SER A 19 4.12 -13.90 12.68
CA SER A 19 4.14 -14.42 11.32
C SER A 19 4.15 -13.29 10.31
N VAL A 20 4.77 -13.55 9.16
CA VAL A 20 5.01 -12.53 8.14
C VAL A 20 4.38 -12.91 6.82
N PHE A 21 3.62 -11.97 6.26
CA PHE A 21 3.04 -12.15 4.95
C PHE A 21 3.41 -10.94 4.08
N LEU A 22 4.06 -11.22 2.96
CA LEU A 22 4.55 -10.19 2.06
C LEU A 22 3.69 -10.19 0.79
N PHE A 23 3.02 -9.06 0.53
CA PHE A 23 2.08 -8.97 -0.58
C PHE A 23 2.59 -8.12 -1.74
N PRO A 24 2.30 -8.54 -2.98
CA PRO A 24 2.67 -7.81 -4.19
C PRO A 24 1.84 -6.51 -4.33
N PRO A 25 2.21 -5.64 -5.30
CA PRO A 25 1.35 -4.48 -5.53
C PRO A 25 0.10 -4.93 -6.30
N LYS A 26 -0.91 -4.07 -6.40
CA LYS A 26 -2.07 -4.39 -7.23
C LYS A 26 -1.70 -4.21 -8.71
N PRO A 27 -2.15 -5.14 -9.56
CA PRO A 27 -1.90 -5.05 -11.00
C PRO A 27 -2.22 -3.66 -11.58
N LYS A 28 -3.34 -3.06 -11.19
CA LYS A 28 -3.71 -1.74 -11.70
C LYS A 28 -2.65 -0.71 -11.35
N ASP A 29 -2.18 -0.77 -10.10
CA ASP A 29 -1.16 0.15 -9.60
C ASP A 29 0.18 -0.01 -10.33
N THR A 30 0.53 -1.25 -10.69
CA THR A 30 1.76 -1.49 -11.44
C THR A 30 1.63 -1.08 -12.92
N LEU A 31 0.42 -1.14 -13.45
CA LEU A 31 0.23 -0.92 -14.89
C LEU A 31 -0.17 0.49 -15.27
N MET A 32 -0.65 1.25 -14.29
CA MET A 32 -1.02 2.63 -14.52
C MET A 32 0.05 3.57 -13.98
N ILE A 33 0.67 4.31 -14.89
CA ILE A 33 1.72 5.28 -14.55
C ILE A 33 1.20 6.41 -13.65
N SER A 34 -0.13 6.53 -13.58
CA SER A 34 -0.75 7.56 -12.78
C SER A 34 -1.11 7.02 -11.40
N ARG A 35 -0.78 5.75 -11.17
CA ARG A 35 -0.97 5.14 -9.85
C ARG A 35 0.38 4.79 -9.24
N THR A 36 0.38 4.51 -7.94
CA THR A 36 1.62 4.22 -7.21
C THR A 36 1.61 2.81 -6.60
N PRO A 37 2.35 1.88 -7.22
CA PRO A 37 2.37 0.50 -6.74
C PRO A 37 3.23 0.41 -5.47
N GLU A 38 2.83 -0.44 -4.54
CA GLU A 38 3.60 -0.63 -3.31
C GLU A 38 3.53 -2.09 -2.86
N VAL A 39 4.63 -2.56 -2.27
CA VAL A 39 4.64 -3.90 -1.64
C VAL A 39 4.45 -3.75 -0.14
N THR A 40 3.74 -4.72 0.45
CA THR A 40 3.33 -4.63 1.83
C THR A 40 3.86 -5.82 2.64
N CYS A 41 4.59 -5.51 3.71
CA CYS A 41 5.11 -6.54 4.60
C CYS A 41 4.30 -6.51 5.90
N VAL A 42 3.44 -7.52 6.05
CA VAL A 42 2.54 -7.63 7.21
C VAL A 42 3.08 -8.61 8.24
N VAL A 43 3.18 -8.15 9.48
CA VAL A 43 3.56 -8.97 10.60
C VAL A 43 2.37 -9.09 11.55
N VAL A 44 1.94 -10.33 11.79
CA VAL A 44 0.84 -10.62 12.72
C VAL A 44 1.34 -11.49 13.85
N ASP A 45 0.57 -11.58 14.93
CA ASP A 45 0.96 -12.33 16.13
C ASP A 45 2.16 -11.72 16.83
N VAL A 46 2.23 -10.38 16.74
CA VAL A 46 3.17 -9.60 17.52
C VAL A 46 2.59 -9.46 18.91
N SER A 47 3.36 -9.89 19.92
CA SER A 47 2.90 -9.90 21.30
C SER A 47 2.84 -8.50 21.91
N HIS A 48 2.15 -8.39 23.04
CA HIS A 48 2.14 -7.15 23.83
C HIS A 48 3.38 -6.98 24.64
N GLU A 49 4.13 -8.06 24.84
CA GLU A 49 5.38 -8.01 25.61
C GLU A 49 6.51 -7.40 24.79
N ASP A 50 6.55 -7.74 23.51
CA ASP A 50 7.55 -7.20 22.60
C ASP A 50 6.93 -6.74 21.27
N PRO A 51 6.22 -5.60 21.30
CA PRO A 51 5.62 -5.05 20.07
C PRO A 51 6.65 -4.48 19.09
N GLU A 52 7.88 -4.30 19.54
CA GLU A 52 8.94 -3.73 18.72
C GLU A 52 9.32 -4.66 17.56
N VAL A 53 9.12 -4.17 16.34
CA VAL A 53 9.47 -4.93 15.16
C VAL A 53 10.43 -4.08 14.34
N LYS A 54 11.50 -4.72 13.88
CA LYS A 54 12.45 -4.08 12.98
C LYS A 54 12.28 -4.62 11.57
N PHE A 55 12.22 -3.71 10.60
CA PHE A 55 12.18 -4.09 9.20
C PHE A 55 13.48 -3.74 8.52
N ASN A 56 13.94 -4.64 7.65
CA ASN A 56 14.99 -4.36 6.67
C ASN A 56 14.47 -4.70 5.28
N TRP A 57 14.52 -3.74 4.37
CA TRP A 57 14.07 -3.97 2.99
C TRP A 57 15.22 -4.02 2.04
N TYR A 58 15.12 -4.91 1.05
CA TYR A 58 16.17 -5.10 0.06
C TYR A 58 15.52 -5.21 -1.31
N VAL A 59 16.08 -4.47 -2.26
CA VAL A 59 15.66 -4.54 -3.66
C VAL A 59 16.82 -5.18 -4.45
N ASP A 60 16.61 -6.44 -4.87
CA ASP A 60 17.67 -7.27 -5.46
C ASP A 60 18.92 -7.36 -4.61
N GLY A 61 18.73 -7.59 -3.32
CA GLY A 61 19.85 -7.75 -2.39
C GLY A 61 20.39 -6.46 -1.81
N VAL A 62 19.99 -5.34 -2.41
CA VAL A 62 20.46 -4.01 -2.01
C VAL A 62 19.47 -3.38 -1.03
N GLU A 63 19.95 -3.03 0.16
CA GLU A 63 19.09 -2.43 1.18
C GLU A 63 18.61 -1.05 0.75
N VAL A 64 17.32 -0.78 1.01
CA VAL A 64 16.72 0.54 0.79
C VAL A 64 16.14 1.05 2.11
N HIS A 65 15.98 2.37 2.22
CA HIS A 65 15.59 2.99 3.48
C HIS A 65 14.42 3.93 3.38
N ASN A 66 13.60 3.79 2.34
CA ASN A 66 12.45 4.68 2.16
C ASN A 66 11.11 4.02 2.48
N ALA A 67 11.14 2.91 3.21
CA ALA A 67 9.90 2.23 3.61
C ALA A 67 9.18 3.00 4.73
N LYS A 68 7.89 2.76 4.88
CA LYS A 68 7.10 3.47 5.89
C LYS A 68 6.27 2.50 6.70
N THR A 69 6.35 2.62 8.03
CA THR A 69 5.57 1.76 8.91
C THR A 69 4.17 2.34 9.16
N LYS A 70 3.15 1.52 8.95
CA LYS A 70 1.75 1.94 9.15
C LYS A 70 1.46 2.10 10.64
N PRO A 71 0.36 2.79 10.99
CA PRO A 71 -0.01 2.87 12.41
C PRO A 71 -0.17 1.48 13.01
N ARG A 72 0.50 1.21 14.12
CA ARG A 72 0.33 -0.06 14.82
C ARG A 72 -1.16 -0.31 15.07
N GLU A 73 -1.59 -1.56 14.90
CA GLU A 73 -3.00 -1.88 15.06
C GLU A 73 -3.26 -3.08 15.97
N GLU A 74 -3.95 -2.80 17.07
CA GLU A 74 -4.42 -3.78 18.04
C GLU A 74 -5.46 -4.71 17.40
N GLN A 75 -5.34 -6.01 17.66
CA GLN A 75 -6.24 -7.02 17.08
C GLN A 75 -7.23 -7.62 18.08
N TYR A 76 -7.01 -7.33 19.36
CA TYR A 76 -7.92 -7.73 20.45
C TYR A 76 -8.02 -9.25 20.66
N ASN A 77 -7.09 -9.97 20.05
CA ASN A 77 -6.90 -11.38 20.32
C ASN A 77 -5.54 -11.63 20.98
N SER A 78 -5.05 -10.61 21.68
CA SER A 78 -3.75 -10.57 22.39
C SER A 78 -2.56 -10.15 21.53
N THR A 79 -2.83 -9.80 20.27
CA THR A 79 -1.77 -9.51 19.31
C THR A 79 -1.93 -8.17 18.60
N TYR A 80 -0.79 -7.64 18.15
CA TYR A 80 -0.75 -6.48 17.26
C TYR A 80 -0.52 -6.91 15.82
N ARG A 81 -0.99 -6.09 14.90
CA ARG A 81 -0.64 -6.18 13.48
C ARG A 81 0.31 -5.01 13.20
N VAL A 82 1.47 -5.33 12.64
CA VAL A 82 2.51 -4.31 12.34
C VAL A 82 2.86 -4.43 10.86
N VAL A 83 2.73 -3.33 10.14
CA VAL A 83 2.84 -3.34 8.69
C VAL A 83 3.87 -2.33 8.18
N SER A 84 4.80 -2.79 7.35
CA SER A 84 5.68 -1.87 6.62
C SER A 84 5.37 -1.86 5.13
N VAL A 85 5.30 -0.67 4.55
CA VAL A 85 4.97 -0.47 3.14
C VAL A 85 6.17 0.15 2.39
N LEU A 86 6.48 -0.41 1.22
CA LEU A 86 7.53 0.12 0.36
C LEU A 86 6.99 0.45 -1.02
N THR A 87 7.14 1.71 -1.41
CA THR A 87 6.81 2.16 -2.77
C THR A 87 7.78 1.45 -3.72
N VAL A 88 7.26 0.95 -4.83
CA VAL A 88 8.12 0.37 -5.85
C VAL A 88 7.98 1.16 -7.14
N LEU A 89 9.01 1.12 -7.98
CA LEU A 89 8.97 1.81 -9.26
C LEU A 89 8.31 0.88 -10.27
N HIS A 90 7.44 1.45 -11.12
CA HIS A 90 6.69 0.65 -12.09
C HIS A 90 7.58 -0.29 -12.85
N GLN A 91 8.63 0.25 -13.49
CA GLN A 91 9.51 -0.55 -14.34
C GLN A 91 10.29 -1.61 -13.57
N ASP A 92 10.71 -1.27 -12.35
CA ASP A 92 11.38 -2.23 -11.45
C ASP A 92 10.52 -3.48 -11.24
N TRP A 93 9.24 -3.27 -10.90
CA TRP A 93 8.35 -4.40 -10.70
C TRP A 93 8.20 -5.22 -11.96
N LEU A 94 7.97 -4.54 -13.07
CA LEU A 94 7.75 -5.20 -14.34
C LEU A 94 9.02 -5.84 -14.90
N ASN A 95 10.19 -5.33 -14.54
CA ASN A 95 11.46 -5.95 -14.96
C ASN A 95 11.84 -7.13 -14.07
N GLY A 96 11.01 -7.42 -13.08
CA GLY A 96 11.16 -8.62 -12.25
C GLY A 96 12.10 -8.50 -11.06
N LYS A 97 12.37 -7.28 -10.61
CA LYS A 97 13.21 -7.09 -9.41
C LYS A 97 12.57 -7.79 -8.20
N GLU A 98 13.42 -8.34 -7.34
CA GLU A 98 12.95 -9.07 -6.16
C GLU A 98 12.93 -8.13 -4.97
N TYR A 99 11.90 -8.26 -4.16
CA TYR A 99 11.75 -7.44 -2.97
C TYR A 99 11.77 -8.32 -1.75
N LYS A 100 12.71 -8.03 -0.84
CA LYS A 100 12.87 -8.83 0.35
C LYS A 100 12.62 -8.00 1.60
N CYS A 101 11.74 -8.54 2.46
CA CYS A 101 11.42 -7.95 3.74
C CYS A 101 11.97 -8.85 4.84
N LYS A 102 12.83 -8.28 5.69
CA LYS A 102 13.43 -9.00 6.82
C LYS A 102 12.85 -8.46 8.12
N VAL A 103 12.28 -9.35 8.90
CA VAL A 103 11.54 -8.99 10.10
C VAL A 103 12.29 -9.52 11.31
N SER A 104 12.58 -8.61 12.24
CA SER A 104 13.22 -8.97 13.51
C SER A 104 12.31 -8.56 14.66
N ASN A 105 12.16 -9.49 15.60
CA ASN A 105 11.38 -9.29 16.82
C ASN A 105 11.99 -10.14 17.95
N LYS A 106 11.88 -9.64 19.18
CA LYS A 106 12.46 -10.32 20.35
C LYS A 106 11.95 -11.75 20.51
N ALA A 107 10.68 -11.99 20.13
CA ALA A 107 10.08 -13.31 20.21
C ALA A 107 10.57 -14.29 19.13
N LEU A 108 11.23 -13.78 18.10
CA LEU A 108 11.75 -14.62 17.03
C LEU A 108 13.18 -15.06 17.35
N PRO A 109 13.44 -16.37 17.32
CA PRO A 109 14.79 -16.89 17.55
C PRO A 109 15.73 -16.32 16.50
N ALA A 110 15.28 -16.33 15.24
CA ALA A 110 16.00 -15.70 14.14
C ALA A 110 15.05 -14.81 13.33
N PRO A 111 15.61 -13.80 12.63
CA PRO A 111 14.83 -12.98 11.67
C PRO A 111 14.07 -13.81 10.63
N ILE A 112 12.87 -13.35 10.26
CA ILE A 112 12.11 -13.97 9.18
C ILE A 112 12.30 -13.12 7.94
N GLU A 113 12.65 -13.77 6.84
CA GLU A 113 12.84 -13.12 5.55
C GLU A 113 11.81 -13.66 4.56
N LYS A 114 11.07 -12.77 3.93
CA LYS A 114 10.16 -13.13 2.85
C LYS A 114 10.54 -12.36 1.59
N THR A 115 10.17 -12.91 0.45
CA THR A 115 10.55 -12.38 -0.86
C THR A 115 9.38 -12.48 -1.81
N ILE A 116 9.18 -11.42 -2.59
CA ILE A 116 8.24 -11.44 -3.71
C ILE A 116 8.83 -10.76 -4.92
N SER A 117 8.36 -11.19 -6.08
CA SER A 117 8.70 -10.61 -7.36
C SER A 117 7.58 -11.00 -8.30
N LYS A 118 7.56 -10.38 -9.46
CA LYS A 118 6.63 -10.76 -10.51
C LYS A 118 7.01 -12.17 -10.99
N ALA A 119 6.00 -12.96 -11.35
CA ALA A 119 6.22 -14.33 -11.85
C ALA A 119 7.16 -14.36 -13.05
N LYS A 120 8.09 -15.32 -13.06
CA LYS A 120 9.09 -15.44 -14.11
C LYS A 120 8.51 -15.97 -15.42
N GLY A 121 9.02 -15.45 -16.53
CA GLY A 121 8.64 -15.94 -17.85
C GLY A 121 8.36 -14.83 -18.86
N GLN A 122 8.57 -15.12 -20.14
CA GLN A 122 8.30 -14.15 -21.20
C GLN A 122 6.82 -13.76 -21.21
N PRO A 123 6.53 -12.47 -21.01
CA PRO A 123 5.14 -12.02 -21.04
C PRO A 123 4.44 -12.30 -22.36
N ARG A 124 3.17 -12.69 -22.28
CA ARG A 124 2.36 -12.93 -23.47
C ARG A 124 1.12 -12.06 -23.48
N GLU A 125 0.82 -11.53 -24.66
CA GLU A 125 -0.26 -10.60 -24.88
C GLU A 125 -1.62 -11.31 -24.80
N PRO A 126 -2.53 -10.77 -23.98
CA PRO A 126 -3.90 -11.29 -23.95
C PRO A 126 -4.63 -11.00 -25.25
N GLN A 127 -5.31 -12.02 -25.76
CA GLN A 127 -6.23 -11.89 -26.88
C GLN A 127 -7.60 -11.63 -26.26
N VAL A 128 -8.22 -10.52 -26.61
CA VAL A 128 -9.48 -10.13 -25.97
C VAL A 128 -10.63 -10.16 -26.98
N TYR A 129 -11.65 -10.94 -26.67
CA TYR A 129 -12.82 -11.06 -27.53
C TYR A 129 -14.07 -10.83 -26.71
N THR A 130 -15.02 -10.12 -27.30
CA THR A 130 -16.30 -9.96 -26.68
C THR A 130 -17.30 -10.87 -27.37
N LEU A 131 -18.10 -11.56 -26.56
CA LEU A 131 -19.14 -12.45 -27.10
C LEU A 131 -20.50 -11.94 -26.64
N PRO A 132 -21.44 -11.79 -27.59
CA PRO A 132 -22.80 -11.36 -27.29
C PRO A 132 -23.56 -12.43 -26.49
N PRO A 133 -24.68 -12.05 -25.85
CA PRO A 133 -25.52 -13.06 -25.22
C PRO A 133 -26.06 -14.05 -26.24
N SER A 134 -26.26 -15.29 -25.78
CA SER A 134 -26.90 -16.33 -26.57
C SER A 134 -28.36 -15.95 -26.87
N ARG A 135 -28.85 -16.39 -28.04
CA ARG A 135 -30.26 -16.27 -28.39
C ARG A 135 -31.17 -16.81 -27.29
N GLU A 136 -30.76 -17.93 -26.67
CA GLU A 136 -31.55 -18.60 -25.65
C GLU A 136 -31.70 -17.79 -24.36
N GLU A 137 -30.82 -16.81 -24.15
CA GLU A 137 -30.89 -15.96 -22.96
C GLU A 137 -31.82 -14.77 -23.18
N MET A 138 -32.24 -14.57 -24.43
CA MET A 138 -33.06 -13.42 -24.79
C MET A 138 -34.49 -13.43 -24.22
N THR A 139 -34.86 -14.50 -23.54
CA THR A 139 -36.15 -14.54 -22.84
C THR A 139 -36.05 -13.93 -21.44
N LYS A 140 -34.83 -13.75 -20.93
CA LYS A 140 -34.64 -13.32 -19.55
C LYS A 140 -34.73 -11.81 -19.36
N ASN A 141 -34.90 -11.37 -18.12
CA ASN A 141 -34.99 -9.94 -17.82
C ASN A 141 -33.66 -9.22 -18.04
N GLN A 142 -32.57 -9.94 -17.88
CA GLN A 142 -31.21 -9.40 -18.00
C GLN A 142 -30.39 -10.35 -18.84
N VAL A 143 -29.37 -9.84 -19.54
CA VAL A 143 -28.50 -10.70 -20.37
C VAL A 143 -27.02 -10.62 -19.98
N SER A 144 -26.26 -11.61 -20.41
CA SER A 144 -24.84 -11.76 -20.07
C SER A 144 -23.94 -11.32 -21.23
N LEU A 145 -23.13 -10.29 -21.00
CA LEU A 145 -22.12 -9.87 -21.98
C LEU A 145 -20.80 -10.45 -21.52
N THR A 146 -20.12 -11.16 -22.41
CA THR A 146 -18.95 -11.93 -22.06
C THR A 146 -17.68 -11.30 -22.62
N CYS A 147 -16.71 -11.09 -21.75
CA CYS A 147 -15.38 -10.71 -22.17
C CYS A 147 -14.46 -11.89 -21.94
N MET A 148 -13.95 -12.42 -23.05
CA MET A 148 -13.09 -13.58 -23.06
C MET A 148 -11.65 -13.11 -23.21
N VAL A 149 -10.82 -13.39 -22.21
CA VAL A 149 -9.43 -12.97 -22.22
C VAL A 149 -8.56 -14.22 -22.15
N GLU A 150 -7.78 -14.48 -23.20
CA GLU A 150 -6.95 -15.68 -23.22
C GLU A 150 -5.57 -15.42 -23.77
N GLY A 151 -4.65 -16.33 -23.45
CA GLY A 151 -3.29 -16.28 -23.98
C GLY A 151 -2.40 -15.27 -23.27
N PHE A 152 -2.69 -14.98 -21.99
CA PHE A 152 -1.87 -14.00 -21.27
C PHE A 152 -0.93 -14.56 -20.22
N TYR A 153 0.24 -13.94 -20.15
CA TYR A 153 1.24 -14.23 -19.13
C TYR A 153 2.04 -12.98 -18.77
N PRO A 154 2.31 -12.75 -17.46
CA PRO A 154 1.86 -13.52 -16.30
C PRO A 154 0.40 -13.23 -15.94
N SER A 155 -0.09 -13.79 -14.85
CA SER A 155 -1.53 -13.80 -14.55
C SER A 155 -2.03 -12.48 -13.95
N ASP A 156 -1.10 -11.55 -13.73
CA ASP A 156 -1.41 -10.21 -13.25
C ASP A 156 -2.21 -9.47 -14.33
N ILE A 157 -3.44 -9.08 -13.99
CA ILE A 157 -4.35 -8.49 -14.97
C ILE A 157 -5.48 -7.78 -14.25
N ALA A 158 -6.03 -6.74 -14.88
CA ALA A 158 -7.28 -6.14 -14.44
C ALA A 158 -8.28 -6.07 -15.61
N VAL A 159 -9.54 -6.40 -15.32
CA VAL A 159 -10.61 -6.29 -16.31
C VAL A 159 -11.75 -5.47 -15.75
N GLU A 160 -12.21 -4.49 -16.53
CA GLU A 160 -13.35 -3.66 -16.17
C GLU A 160 -14.24 -3.41 -17.39
N TRP A 161 -15.43 -2.85 -17.14
CA TRP A 161 -16.44 -2.62 -18.17
C TRP A 161 -16.89 -1.20 -18.19
N GLU A 162 -17.30 -0.73 -19.36
CA GLU A 162 -17.84 0.61 -19.48
C GLU A 162 -18.89 0.73 -20.56
N SER A 163 -19.67 1.81 -20.46
CA SER A 163 -20.59 2.22 -21.50
C SER A 163 -20.72 3.72 -21.43
N ASN A 164 -20.77 4.35 -22.61
CA ASN A 164 -20.93 5.80 -22.74
C ASN A 164 -19.92 6.54 -21.86
N GLY A 165 -18.67 6.10 -21.89
CA GLY A 165 -17.61 6.67 -21.08
C GLY A 165 -17.79 6.57 -19.57
N GLN A 166 -18.75 5.75 -19.14
CA GLN A 166 -19.05 5.56 -17.72
C GLN A 166 -18.81 4.11 -17.30
N PRO A 167 -18.25 3.89 -16.10
CA PRO A 167 -18.01 2.51 -15.66
C PRO A 167 -19.32 1.76 -15.44
N GLU A 168 -19.32 0.47 -15.77
CA GLU A 168 -20.44 -0.43 -15.53
C GLU A 168 -20.01 -1.39 -14.43
N ASN A 169 -20.76 -1.41 -13.33
CA ASN A 169 -20.33 -2.12 -12.13
C ASN A 169 -20.93 -3.52 -11.92
N ASN A 170 -21.95 -3.85 -12.71
CA ASN A 170 -22.68 -5.10 -12.50
C ASN A 170 -22.06 -6.33 -13.17
N TYR A 171 -20.77 -6.56 -12.89
CA TYR A 171 -20.04 -7.67 -13.46
C TYR A 171 -19.34 -8.50 -12.39
N LYS A 172 -18.97 -9.71 -12.78
CA LYS A 172 -18.13 -10.60 -11.97
C LYS A 172 -17.12 -11.20 -12.93
N THR A 173 -15.89 -11.38 -12.47
CA THR A 173 -14.83 -11.93 -13.31
C THR A 173 -14.27 -13.18 -12.64
N THR A 174 -14.04 -14.22 -13.45
CA THR A 174 -13.43 -15.45 -12.91
C THR A 174 -11.98 -15.23 -12.51
N PRO A 175 -11.46 -16.05 -11.58
CA PRO A 175 -10.02 -16.09 -11.41
C PRO A 175 -9.36 -16.55 -12.72
N PRO A 176 -8.09 -16.16 -12.95
CA PRO A 176 -7.35 -16.68 -14.10
C PRO A 176 -7.14 -18.18 -13.97
N VAL A 177 -7.22 -18.90 -15.08
CA VAL A 177 -7.03 -20.35 -15.08
C VAL A 177 -5.84 -20.68 -15.98
N LEU A 178 -4.93 -21.52 -15.50
CA LEU A 178 -3.76 -21.88 -16.29
C LEU A 178 -4.17 -22.76 -17.48
N ASP A 179 -3.89 -22.30 -18.69
CA ASP A 179 -4.24 -23.03 -19.90
C ASP A 179 -3.16 -24.05 -20.28
N SER A 180 -3.52 -24.99 -21.17
CA SER A 180 -2.62 -26.09 -21.54
C SER A 180 -1.35 -25.64 -22.25
N ASP A 181 -1.36 -24.43 -22.82
CA ASP A 181 -0.19 -23.86 -23.46
C ASP A 181 0.67 -22.98 -22.54
N GLY A 182 0.35 -22.95 -21.26
CA GLY A 182 1.20 -22.23 -20.30
C GLY A 182 0.86 -20.76 -20.10
N SER A 183 -0.08 -20.26 -20.90
CA SER A 183 -0.66 -18.95 -20.64
C SER A 183 -1.91 -19.09 -19.76
N PHE A 184 -2.52 -17.97 -19.41
CA PHE A 184 -3.73 -17.98 -18.61
C PHE A 184 -4.90 -17.45 -19.43
N PHE A 185 -6.10 -17.85 -19.03
CA PHE A 185 -7.31 -17.23 -19.55
C PHE A 185 -8.29 -16.92 -18.43
N LEU A 186 -9.23 -16.03 -18.72
CA LEU A 186 -10.36 -15.82 -17.84
C LEU A 186 -11.53 -15.29 -18.63
N TYR A 187 -12.70 -15.26 -18.00
CA TYR A 187 -13.88 -14.60 -18.56
C TYR A 187 -14.39 -13.56 -17.60
N SER A 188 -14.90 -12.46 -18.15
CA SER A 188 -15.67 -11.52 -17.33
C SER A 188 -17.09 -11.44 -17.86
N LYS A 189 -18.06 -11.45 -16.95
CA LYS A 189 -19.46 -11.43 -17.33
C LYS A 189 -20.14 -10.17 -16.80
N LEU A 190 -20.54 -9.30 -17.70
CA LEU A 190 -21.33 -8.13 -17.34
C LEU A 190 -22.80 -8.43 -17.57
N THR A 191 -23.61 -8.21 -16.53
CA THR A 191 -25.04 -8.45 -16.58
C THR A 191 -25.76 -7.12 -16.74
N VAL A 192 -26.55 -7.00 -17.82
CA VAL A 192 -27.29 -5.79 -18.12
C VAL A 192 -28.78 -6.06 -18.32
N ASP A 193 -29.63 -5.10 -17.99
CA ASP A 193 -31.05 -5.16 -18.34
C ASP A 193 -31.20 -5.43 -19.83
N LYS A 194 -32.07 -6.37 -20.19
CA LYS A 194 -32.18 -6.79 -21.58
C LYS A 194 -32.47 -5.63 -22.54
N SER A 195 -33.26 -4.67 -22.08
CA SER A 195 -33.66 -3.53 -22.91
C SER A 195 -32.45 -2.72 -23.38
N ARG A 196 -31.49 -2.52 -22.49
CA ARG A 196 -30.26 -1.82 -22.81
C ARG A 196 -29.53 -2.47 -23.98
N TRP A 197 -29.48 -3.80 -23.98
CA TRP A 197 -28.91 -4.56 -25.07
C TRP A 197 -29.70 -4.36 -26.33
N GLN A 198 -31.03 -4.53 -26.25
CA GLN A 198 -31.92 -4.38 -27.40
C GLN A 198 -31.88 -2.98 -28.04
N GLN A 199 -31.65 -1.96 -27.23
CA GLN A 199 -31.62 -0.57 -27.69
C GLN A 199 -30.33 -0.16 -28.38
N GLY A 200 -29.44 -1.11 -28.66
CA GLY A 200 -28.21 -0.82 -29.41
C GLY A 200 -27.07 -0.16 -28.65
N ASN A 201 -27.20 -0.06 -27.33
CA ASN A 201 -26.15 0.55 -26.49
C ASN A 201 -24.81 -0.16 -26.59
N VAL A 202 -23.74 0.62 -26.71
CA VAL A 202 -22.42 0.02 -26.87
C VAL A 202 -21.76 -0.21 -25.52
N PHE A 203 -21.34 -1.45 -25.29
CA PHE A 203 -20.60 -1.79 -24.09
C PHE A 203 -19.17 -2.14 -24.44
N SER A 204 -18.28 -1.95 -23.47
CA SER A 204 -16.86 -2.12 -23.69
C SER A 204 -16.17 -2.83 -22.55
N CYS A 205 -15.31 -3.76 -22.94
CA CYS A 205 -14.50 -4.49 -22.01
C CYS A 205 -13.10 -3.86 -22.01
N SER A 206 -12.63 -3.47 -20.83
CA SER A 206 -11.28 -2.91 -20.66
C SER A 206 -10.34 -3.91 -20.02
N VAL A 207 -9.19 -4.11 -20.65
CA VAL A 207 -8.20 -5.03 -20.10
C VAL A 207 -6.83 -4.35 -19.92
N MET A 208 -6.30 -4.43 -18.70
CA MET A 208 -4.94 -3.94 -18.41
C MET A 208 -3.97 -5.07 -18.12
N HIS A 209 -2.90 -5.13 -18.90
CA HIS A 209 -1.91 -6.19 -18.78
C HIS A 209 -0.64 -5.70 -19.39
N GLU A 210 0.49 -6.09 -18.82
CA GLU A 210 1.80 -5.55 -19.24
C GLU A 210 2.17 -5.79 -20.69
N ALA A 211 1.75 -6.93 -21.25
CA ALA A 211 2.17 -7.31 -22.59
C ALA A 211 1.27 -6.69 -23.67
N LEU A 212 0.32 -5.85 -23.24
CA LEU A 212 -0.49 -5.07 -24.17
C LEU A 212 0.23 -3.77 -24.49
N HIS A 213 -0.01 -3.26 -25.69
CA HIS A 213 0.45 -1.93 -26.04
C HIS A 213 -0.10 -0.91 -25.07
N ASN A 214 0.81 -0.16 -24.43
CA ASN A 214 0.45 0.82 -23.40
C ASN A 214 -0.34 0.21 -22.23
N HIS A 215 -0.09 -1.07 -21.96
CA HIS A 215 -0.74 -1.80 -20.87
C HIS A 215 -2.24 -1.89 -20.95
N TYR A 216 -2.81 -1.69 -22.13
CA TYR A 216 -4.25 -1.46 -22.25
C TYR A 216 -4.85 -1.82 -23.60
N THR A 217 -6.04 -2.41 -23.54
CA THR A 217 -6.90 -2.51 -24.72
C THR A 217 -8.35 -2.41 -24.29
N GLN A 218 -9.20 -2.05 -25.23
CA GLN A 218 -10.63 -1.91 -25.01
C GLN A 218 -11.35 -2.59 -26.18
N LYS A 219 -12.27 -3.52 -25.88
CA LYS A 219 -13.04 -4.18 -26.92
C LYS A 219 -14.53 -3.92 -26.73
N SER A 220 -15.20 -3.57 -27.82
CA SER A 220 -16.60 -3.16 -27.78
C SER A 220 -17.60 -4.19 -28.29
N LEU A 221 -18.83 -4.05 -27.81
CA LEU A 221 -19.89 -5.00 -28.05
C LEU A 221 -21.24 -4.26 -28.05
N SER A 222 -22.02 -4.44 -29.12
CA SER A 222 -23.40 -3.97 -29.18
C SER A 222 -24.21 -4.86 -30.13
N LEU A 223 -25.54 -4.77 -30.04
CA LEU A 223 -26.43 -5.58 -30.87
C LEU A 223 -26.26 -5.26 -32.36
N SER A 224 -25.98 -6.28 -33.17
CA SER A 224 -25.71 -6.07 -34.60
C SER A 224 -26.83 -6.53 -35.53
N GLY B 30 -0.66 -32.35 18.61
CA GLY B 30 -1.47 -33.54 18.19
C GLY B 30 -1.80 -33.55 16.70
N PRO B 31 -2.42 -34.66 16.23
CA PRO B 31 -2.82 -34.80 14.83
C PRO B 31 -3.87 -33.79 14.35
N SER B 32 -4.01 -33.65 13.03
CA SER B 32 -5.00 -32.76 12.43
C SER B 32 -6.00 -33.51 11.56
N VAL B 33 -7.23 -32.99 11.52
CA VAL B 33 -8.34 -33.65 10.84
C VAL B 33 -8.92 -32.77 9.73
N PHE B 34 -9.03 -33.35 8.54
CA PHE B 34 -9.71 -32.71 7.43
C PHE B 34 -10.78 -33.61 6.84
N LEU B 35 -12.02 -33.10 6.82
CA LEU B 35 -13.17 -33.84 6.33
C LEU B 35 -13.55 -33.36 4.93
N PHE B 36 -13.64 -34.30 4.00
CA PHE B 36 -13.87 -33.96 2.61
C PHE B 36 -15.21 -34.44 2.08
N PRO B 37 -15.85 -33.62 1.21
CA PRO B 37 -17.11 -34.00 0.59
C PRO B 37 -16.90 -34.99 -0.55
N PRO B 38 -17.99 -35.60 -1.06
CA PRO B 38 -17.84 -36.46 -2.24
C PRO B 38 -17.47 -35.61 -3.44
N LYS B 39 -16.89 -36.23 -4.46
CA LYS B 39 -16.77 -35.61 -5.77
C LYS B 39 -18.18 -35.37 -6.31
N PRO B 40 -18.44 -34.19 -6.89
CA PRO B 40 -19.75 -33.88 -7.46
C PRO B 40 -20.24 -34.89 -8.50
N LYS B 41 -19.35 -35.36 -9.36
CA LYS B 41 -19.72 -36.35 -10.38
C LYS B 41 -20.20 -37.65 -9.75
N ASP B 42 -19.71 -37.96 -8.55
CA ASP B 42 -20.12 -39.15 -7.82
C ASP B 42 -21.54 -39.02 -7.23
N THR B 43 -21.91 -37.82 -6.77
CA THR B 43 -23.25 -37.61 -6.21
C THR B 43 -24.29 -37.45 -7.33
N LEU B 44 -23.81 -37.08 -8.51
CA LEU B 44 -24.71 -36.71 -9.63
C LEU B 44 -25.00 -37.84 -10.61
N GLU B 45 -24.16 -38.89 -10.60
CA GLU B 45 -24.39 -40.08 -11.42
C GLU B 45 -24.85 -41.24 -10.55
N ALA B 46 -26.04 -41.75 -10.87
CA ALA B 46 -26.72 -42.75 -10.06
C ALA B 46 -25.92 -44.02 -9.79
N SER B 47 -25.14 -44.47 -10.77
CA SER B 47 -24.37 -45.72 -10.66
C SER B 47 -23.04 -45.55 -9.90
N ARG B 48 -22.58 -44.31 -9.75
CA ARG B 48 -21.36 -44.03 -9.02
C ARG B 48 -21.57 -44.10 -7.50
N THR B 49 -20.47 -44.17 -6.74
CA THR B 49 -20.55 -44.34 -5.29
C THR B 49 -19.84 -43.19 -4.55
N PRO B 50 -20.60 -42.15 -4.16
CA PRO B 50 -20.03 -41.00 -3.45
C PRO B 50 -19.69 -41.36 -2.00
N GLU B 51 -18.65 -40.74 -1.48
CA GLU B 51 -18.21 -41.01 -0.12
C GLU B 51 -17.63 -39.77 0.53
N VAL B 52 -17.77 -39.68 1.85
CA VAL B 52 -17.10 -38.65 2.63
C VAL B 52 -15.78 -39.20 3.20
N THR B 53 -14.76 -38.36 3.22
CA THR B 53 -13.42 -38.81 3.57
C THR B 53 -12.85 -38.05 4.75
N CYS B 54 -12.59 -38.78 5.84
CA CYS B 54 -12.00 -38.20 7.04
C CYS B 54 -10.51 -38.49 7.08
N VAL B 55 -9.73 -37.48 6.74
CA VAL B 55 -8.28 -37.60 6.72
C VAL B 55 -7.69 -37.13 8.04
N VAL B 56 -6.84 -37.96 8.63
CA VAL B 56 -6.10 -37.58 9.84
C VAL B 56 -4.61 -37.56 9.52
N VAL B 57 -3.98 -36.41 9.77
CA VAL B 57 -2.55 -36.24 9.51
C VAL B 57 -1.82 -35.92 10.81
N ASP B 58 -0.49 -36.02 10.76
CA ASP B 58 0.37 -35.79 11.93
C ASP B 58 0.05 -36.78 13.05
N VAL B 59 -0.12 -38.05 12.67
CA VAL B 59 -0.36 -39.12 13.63
C VAL B 59 1.00 -39.71 14.00
N SER B 60 1.28 -39.78 15.30
CA SER B 60 2.61 -40.17 15.79
C SER B 60 2.88 -41.66 15.74
N HIS B 61 4.16 -42.03 15.81
CA HIS B 61 4.55 -43.43 15.85
C HIS B 61 4.30 -44.04 17.20
N GLU B 62 4.30 -43.20 18.23
CA GLU B 62 4.03 -43.64 19.60
C GLU B 62 2.57 -44.04 19.84
N ASP B 63 1.65 -43.38 19.13
CA ASP B 63 0.22 -43.73 19.19
C ASP B 63 -0.46 -43.65 17.82
N PRO B 64 -0.18 -44.64 16.94
CA PRO B 64 -0.79 -44.63 15.60
C PRO B 64 -2.28 -44.96 15.62
N GLU B 65 -2.80 -45.38 16.76
CA GLU B 65 -4.18 -45.83 16.86
C GLU B 65 -5.12 -44.66 16.84
N VAL B 66 -6.01 -44.64 15.85
CA VAL B 66 -7.05 -43.62 15.78
C VAL B 66 -8.44 -44.27 15.85
N LYS B 67 -9.23 -43.84 16.83
CA LYS B 67 -10.65 -44.19 16.88
C LYS B 67 -11.47 -43.18 16.07
N PHE B 68 -12.30 -43.70 15.15
CA PHE B 68 -13.27 -42.92 14.42
C PHE B 68 -14.69 -43.20 14.89
N ASN B 69 -15.50 -42.16 15.00
CA ASN B 69 -16.94 -42.32 15.19
C ASN B 69 -17.70 -41.53 14.12
N TRP B 70 -18.58 -42.20 13.38
CA TRP B 70 -19.35 -41.52 12.34
C TRP B 70 -20.77 -41.31 12.73
N TYR B 71 -21.25 -40.10 12.47
CA TYR B 71 -22.62 -39.74 12.74
C TYR B 71 -23.29 -39.15 11.49
N VAL B 72 -24.48 -39.63 11.17
CA VAL B 72 -25.30 -39.11 10.07
C VAL B 72 -26.53 -38.47 10.70
N ASP B 73 -26.61 -37.14 10.64
CA ASP B 73 -27.61 -36.37 11.40
C ASP B 73 -27.69 -36.81 12.86
N GLY B 74 -26.52 -36.82 13.52
CA GLY B 74 -26.42 -37.16 14.95
C GLY B 74 -26.50 -38.65 15.29
N VAL B 75 -26.98 -39.44 14.35
CA VAL B 75 -27.15 -40.89 14.52
C VAL B 75 -25.87 -41.61 14.09
N GLU B 76 -25.29 -42.36 15.03
CA GLU B 76 -24.03 -43.07 14.79
C GLU B 76 -24.21 -44.21 13.80
N VAL B 77 -23.31 -44.29 12.82
CA VAL B 77 -23.26 -45.40 11.88
C VAL B 77 -21.95 -46.17 12.03
N HIS B 78 -21.97 -47.46 11.71
CA HIS B 78 -20.84 -48.35 11.98
C HIS B 78 -20.29 -49.00 10.75
N ASN B 79 -20.60 -48.44 9.58
CA ASN B 79 -20.22 -49.03 8.31
C ASN B 79 -19.10 -48.31 7.51
N ALA B 80 -18.30 -47.48 8.20
CA ALA B 80 -17.15 -46.86 7.52
C ALA B 80 -16.02 -47.87 7.28
N LYS B 81 -15.12 -47.53 6.35
CA LYS B 81 -13.92 -48.31 6.09
C LYS B 81 -12.67 -47.47 6.35
N THR B 82 -11.67 -48.10 6.97
CA THR B 82 -10.37 -47.44 7.11
C THR B 82 -9.44 -47.83 5.95
N LYS B 83 -8.85 -46.82 5.31
CA LYS B 83 -7.89 -47.02 4.25
C LYS B 83 -6.57 -47.54 4.82
N PRO B 84 -5.71 -48.11 3.95
CA PRO B 84 -4.38 -48.51 4.39
C PRO B 84 -3.65 -47.35 5.06
N ARG B 85 -3.04 -47.61 6.21
CA ARG B 85 -2.24 -46.62 6.92
C ARG B 85 -1.07 -46.20 6.03
N GLU B 86 -0.73 -44.92 6.07
CA GLU B 86 0.30 -44.41 5.16
C GLU B 86 1.32 -43.53 5.90
N GLU B 87 2.55 -44.03 5.96
CA GLU B 87 3.69 -43.25 6.43
C GLU B 87 4.03 -42.24 5.33
N GLN B 88 4.27 -41.00 5.72
CA GLN B 88 4.71 -39.99 4.77
C GLN B 88 6.22 -40.09 4.59
N TYR B 89 6.93 -39.23 5.31
CA TYR B 89 8.38 -39.23 5.35
C TYR B 89 8.77 -38.49 6.63
N ASN B 90 8.10 -37.38 6.87
CA ASN B 90 8.33 -36.50 8.01
C ASN B 90 8.04 -37.15 9.37
N SER B 91 8.19 -38.48 9.42
CA SER B 91 7.93 -39.32 10.59
C SER B 91 6.48 -39.20 11.08
N THR B 92 5.54 -39.05 10.15
CA THR B 92 4.11 -39.01 10.46
C THR B 92 3.33 -40.07 9.69
N TYR B 93 2.27 -40.56 10.32
CA TYR B 93 1.32 -41.45 9.66
C TYR B 93 0.13 -40.64 9.17
N ARG B 94 -0.41 -41.04 8.02
CA ARG B 94 -1.68 -40.54 7.53
C ARG B 94 -2.72 -41.66 7.67
N VAL B 95 -3.78 -41.38 8.41
CA VAL B 95 -4.86 -42.33 8.64
C VAL B 95 -6.16 -41.80 8.03
N VAL B 96 -6.79 -42.60 7.17
CA VAL B 96 -7.99 -42.18 6.46
C VAL B 96 -9.19 -43.10 6.69
N SER B 97 -10.34 -42.50 6.95
CA SER B 97 -11.59 -43.24 7.05
C SER B 97 -12.57 -42.76 5.98
N VAL B 98 -13.22 -43.72 5.32
CA VAL B 98 -14.16 -43.44 4.26
C VAL B 98 -15.54 -43.98 4.61
N LEU B 99 -16.54 -43.12 4.51
CA LEU B 99 -17.93 -43.52 4.69
C LEU B 99 -18.70 -43.32 3.39
N THR B 100 -19.21 -44.41 2.84
CA THR B 100 -20.10 -44.32 1.67
C THR B 100 -21.36 -43.52 2.05
N VAL B 101 -21.79 -42.63 1.16
CA VAL B 101 -23.01 -41.86 1.39
C VAL B 101 -24.11 -42.21 0.37
N LEU B 102 -25.34 -42.29 0.85
CA LEU B 102 -26.48 -42.51 -0.03
C LEU B 102 -26.79 -41.26 -0.82
N HIS B 103 -27.08 -41.42 -2.11
CA HIS B 103 -27.38 -40.31 -3.02
C HIS B 103 -28.43 -39.40 -2.49
N GLN B 104 -29.54 -39.98 -2.05
CA GLN B 104 -30.69 -39.23 -1.56
C GLN B 104 -30.32 -38.50 -0.27
N ASP B 105 -29.58 -39.17 0.62
CA ASP B 105 -29.10 -38.57 1.87
C ASP B 105 -28.30 -37.29 1.63
N TRP B 106 -27.29 -37.38 0.77
CA TRP B 106 -26.48 -36.22 0.38
C TRP B 106 -27.32 -35.11 -0.18
N LEU B 107 -28.22 -35.45 -1.11
CA LEU B 107 -29.10 -34.46 -1.73
C LEU B 107 -30.07 -33.81 -0.75
N ASN B 108 -30.58 -34.59 0.20
CA ASN B 108 -31.45 -34.09 1.27
C ASN B 108 -30.73 -33.22 2.29
N GLY B 109 -29.42 -33.06 2.12
CA GLY B 109 -28.63 -32.16 2.97
C GLY B 109 -28.24 -32.73 4.32
N LYS B 110 -28.11 -34.05 4.39
CA LYS B 110 -27.76 -34.71 5.65
C LYS B 110 -26.34 -34.34 6.10
N GLU B 111 -26.17 -34.23 7.42
CA GLU B 111 -24.91 -33.78 8.01
C GLU B 111 -24.07 -34.96 8.43
N TYR B 112 -22.81 -34.96 8.01
CA TYR B 112 -21.91 -36.06 8.29
C TYR B 112 -20.82 -35.63 9.26
N LYS B 113 -20.76 -36.32 10.39
CA LYS B 113 -19.85 -35.96 11.46
C LYS B 113 -18.79 -37.04 11.63
N CYS B 114 -17.53 -36.63 11.54
CA CYS B 114 -16.42 -37.51 11.80
C CYS B 114 -15.77 -37.06 13.11
N LYS B 115 -15.86 -37.93 14.12
CA LYS B 115 -15.17 -37.69 15.40
C LYS B 115 -13.90 -38.52 15.48
N VAL B 116 -12.79 -37.85 15.80
CA VAL B 116 -11.48 -38.48 15.81
C VAL B 116 -10.85 -38.48 17.21
N SER B 117 -10.59 -39.67 17.74
CA SER B 117 -9.92 -39.85 19.03
C SER B 117 -8.54 -40.44 18.83
N ASN B 118 -7.58 -39.93 19.60
CA ASN B 118 -6.20 -40.38 19.59
C ASN B 118 -5.58 -39.99 20.93
N LYS B 119 -4.57 -40.74 21.37
CA LYS B 119 -3.92 -40.48 22.66
C LYS B 119 -3.17 -39.15 22.72
N ALA B 120 -2.65 -38.69 21.57
CA ALA B 120 -1.98 -37.38 21.48
C ALA B 120 -2.97 -36.21 21.52
N LEU B 121 -4.25 -36.53 21.69
CA LEU B 121 -5.31 -35.53 21.75
C LEU B 121 -5.89 -35.38 23.14
N PRO B 122 -5.87 -34.14 23.68
CA PRO B 122 -6.52 -33.84 24.97
C PRO B 122 -8.03 -33.97 24.85
N ALA B 123 -8.55 -33.63 23.67
CA ALA B 123 -9.98 -33.72 23.38
C ALA B 123 -10.17 -34.39 22.02
N PRO B 124 -11.26 -35.17 21.86
CA PRO B 124 -11.63 -35.71 20.54
C PRO B 124 -12.02 -34.58 19.57
N ILE B 125 -11.39 -34.56 18.39
CA ILE B 125 -11.70 -33.59 17.34
C ILE B 125 -12.93 -34.03 16.53
N GLU B 126 -13.92 -33.15 16.46
CA GLU B 126 -15.12 -33.40 15.67
C GLU B 126 -15.18 -32.45 14.47
N LYS B 127 -15.50 -33.02 13.30
CA LYS B 127 -15.70 -32.23 12.09
C LYS B 127 -17.02 -32.63 11.45
N THR B 128 -17.65 -31.66 10.80
CA THR B 128 -18.87 -31.91 10.05
C THR B 128 -18.69 -31.40 8.63
N ILE B 129 -19.37 -32.07 7.69
CA ILE B 129 -19.64 -31.50 6.37
C ILE B 129 -21.04 -31.90 5.95
N SER B 130 -21.61 -31.12 5.04
CA SER B 130 -22.83 -31.46 4.36
C SER B 130 -22.86 -30.68 3.06
N LYS B 131 -23.83 -30.97 2.20
CA LYS B 131 -24.10 -30.14 1.04
C LYS B 131 -24.42 -28.74 1.54
N ALA B 132 -23.96 -27.74 0.81
CA ALA B 132 -24.28 -26.33 1.11
C ALA B 132 -25.79 -26.17 1.20
N LYS B 133 -26.24 -25.35 2.15
CA LYS B 133 -27.67 -25.19 2.39
C LYS B 133 -28.24 -24.08 1.51
N GLY B 134 -29.54 -24.14 1.26
CA GLY B 134 -30.23 -23.16 0.42
C GLY B 134 -30.83 -23.82 -0.79
N GLN B 135 -31.94 -23.29 -1.28
CA GLN B 135 -32.68 -23.91 -2.39
C GLN B 135 -31.88 -24.10 -3.66
N PRO B 136 -31.87 -25.33 -4.18
CA PRO B 136 -31.22 -25.59 -5.46
C PRO B 136 -31.83 -24.78 -6.61
N ARG B 137 -30.96 -24.29 -7.49
CA ARG B 137 -31.40 -23.51 -8.63
C ARG B 137 -30.82 -24.13 -9.89
N GLU B 138 -31.67 -24.30 -10.89
CA GLU B 138 -31.32 -24.91 -12.16
C GLU B 138 -30.35 -24.04 -12.95
N PRO B 139 -29.22 -24.63 -13.40
CA PRO B 139 -28.33 -23.92 -14.30
C PRO B 139 -28.98 -23.62 -15.65
N GLN B 140 -28.56 -22.51 -16.24
CA GLN B 140 -28.88 -22.17 -17.60
C GLN B 140 -27.58 -22.34 -18.38
N VAL B 141 -27.62 -23.16 -19.42
CA VAL B 141 -26.41 -23.49 -20.16
C VAL B 141 -26.47 -22.83 -21.52
N TYR B 142 -25.51 -21.95 -21.81
CA TYR B 142 -25.47 -21.25 -23.08
C TYR B 142 -24.13 -21.48 -23.77
N THR B 143 -24.17 -21.92 -25.02
CA THR B 143 -22.96 -22.08 -25.80
C THR B 143 -22.70 -20.82 -26.62
N LEU B 144 -21.45 -20.36 -26.62
CA LEU B 144 -21.10 -19.10 -27.27
C LEU B 144 -20.01 -19.32 -28.31
N PRO B 145 -20.33 -19.01 -29.59
CA PRO B 145 -19.43 -19.27 -30.71
C PRO B 145 -18.18 -18.38 -30.64
N PRO B 146 -17.05 -18.86 -31.19
CA PRO B 146 -15.85 -18.02 -31.23
C PRO B 146 -16.12 -16.74 -32.00
N SER B 147 -15.58 -15.64 -31.49
CA SER B 147 -15.56 -14.36 -32.20
C SER B 147 -14.87 -14.50 -33.56
N ARG B 148 -15.21 -13.61 -34.49
CA ARG B 148 -14.54 -13.54 -35.79
C ARG B 148 -13.04 -13.30 -35.63
N GLU B 149 -12.67 -12.39 -34.71
CA GLU B 149 -11.27 -12.09 -34.42
C GLU B 149 -10.44 -13.30 -34.01
N ALA B 150 -11.10 -14.28 -33.38
CA ALA B 150 -10.43 -15.49 -32.90
C ALA B 150 -10.05 -16.47 -34.01
N MET B 151 -10.48 -16.19 -35.23
CA MET B 151 -10.30 -17.10 -36.37
C MET B 151 -8.93 -17.03 -37.05
N THR B 152 -8.10 -16.07 -36.65
CA THR B 152 -6.76 -15.90 -37.21
C THR B 152 -5.76 -16.98 -36.77
N LYS B 153 -6.05 -17.66 -35.66
CA LYS B 153 -5.12 -18.64 -35.07
C LYS B 153 -5.42 -20.08 -35.52
N ASN B 154 -4.53 -21.02 -35.15
CA ASN B 154 -4.65 -22.42 -35.58
C ASN B 154 -5.79 -23.17 -34.91
N GLN B 155 -6.11 -22.77 -33.69
CA GLN B 155 -7.13 -23.42 -32.89
C GLN B 155 -8.01 -22.35 -32.27
N VAL B 156 -9.23 -22.72 -31.91
CA VAL B 156 -10.18 -21.75 -31.38
C VAL B 156 -10.86 -22.29 -30.13
N GLY B 157 -11.22 -21.38 -29.24
CA GLY B 157 -11.93 -21.70 -28.00
C GLY B 157 -13.43 -21.58 -28.15
N LEU B 158 -14.13 -22.69 -27.92
CA LEU B 158 -15.59 -22.68 -27.90
C LEU B 158 -16.00 -22.54 -26.46
N THR B 159 -17.01 -21.71 -26.21
CA THR B 159 -17.38 -21.32 -24.86
C THR B 159 -18.72 -21.88 -24.39
N CYS B 160 -18.74 -22.34 -23.15
CA CYS B 160 -19.96 -22.75 -22.50
C CYS B 160 -20.16 -21.96 -21.20
N LEU B 161 -21.16 -21.08 -21.20
CA LEU B 161 -21.52 -20.34 -20.00
C LEU B 161 -22.59 -21.12 -19.22
N VAL B 162 -22.27 -21.46 -17.99
CA VAL B 162 -23.21 -22.11 -17.09
C VAL B 162 -23.42 -21.16 -15.93
N LYS B 163 -24.67 -20.74 -15.72
CA LYS B 163 -24.96 -19.73 -14.71
C LYS B 163 -26.29 -20.00 -14.01
N GLY B 164 -26.56 -19.26 -12.95
CA GLY B 164 -27.83 -19.36 -12.23
C GLY B 164 -27.97 -20.64 -11.42
N PHE B 165 -26.86 -21.32 -11.13
CA PHE B 165 -26.94 -22.60 -10.41
C PHE B 165 -26.57 -22.51 -8.94
N TYR B 166 -27.24 -23.34 -8.15
CA TYR B 166 -26.98 -23.52 -6.72
C TYR B 166 -27.39 -24.93 -6.29
N PRO B 167 -26.58 -25.61 -5.43
CA PRO B 167 -25.28 -25.21 -4.88
C PRO B 167 -24.20 -25.19 -5.95
N SER B 168 -22.95 -24.96 -5.58
CA SER B 168 -21.89 -24.77 -6.58
C SER B 168 -21.36 -26.09 -7.12
N ASP B 169 -21.87 -27.20 -6.58
CA ASP B 169 -21.44 -28.53 -6.96
C ASP B 169 -21.95 -28.87 -8.35
N ILE B 170 -21.01 -29.11 -9.27
CA ILE B 170 -21.34 -29.26 -10.69
C ILE B 170 -20.21 -29.98 -11.44
N ALA B 171 -20.55 -30.61 -12.56
CA ALA B 171 -19.56 -31.20 -13.44
C ALA B 171 -19.88 -30.83 -14.87
N VAL B 172 -18.86 -30.39 -15.60
CA VAL B 172 -19.00 -29.93 -16.98
C VAL B 172 -17.99 -30.71 -17.84
N GLU B 173 -18.48 -31.25 -18.96
CA GLU B 173 -17.64 -31.96 -19.92
C GLU B 173 -18.11 -31.60 -21.31
N TRP B 174 -17.28 -31.95 -22.29
CA TRP B 174 -17.60 -31.75 -23.69
C TRP B 174 -17.61 -33.04 -24.45
N GLU B 175 -18.33 -33.03 -25.57
CA GLU B 175 -18.31 -34.13 -26.51
C GLU B 175 -18.64 -33.69 -27.94
N SER B 176 -18.32 -34.57 -28.91
CA SER B 176 -18.66 -34.36 -30.30
C SER B 176 -18.91 -35.68 -31.00
N ASN B 177 -20.05 -35.76 -31.69
CA ASN B 177 -20.44 -36.95 -32.46
C ASN B 177 -20.37 -38.21 -31.59
N GLY B 178 -20.88 -38.11 -30.37
CA GLY B 178 -20.93 -39.23 -29.42
C GLY B 178 -19.60 -39.60 -28.78
N GLN B 179 -18.60 -38.75 -28.94
CA GLN B 179 -17.27 -39.01 -28.42
C GLN B 179 -16.82 -37.90 -27.48
N PRO B 180 -16.15 -38.25 -26.36
CA PRO B 180 -15.69 -37.22 -25.44
C PRO B 180 -14.58 -36.35 -26.06
N GLU B 181 -14.69 -35.05 -25.84
CA GLU B 181 -13.67 -34.09 -26.24
C GLU B 181 -13.04 -33.60 -24.95
N ASN B 182 -11.73 -33.82 -24.81
CA ASN B 182 -11.03 -33.63 -23.53
C ASN B 182 -10.12 -32.41 -23.45
N ASN B 183 -9.95 -31.71 -24.56
CA ASN B 183 -9.07 -30.55 -24.62
C ASN B 183 -9.73 -29.24 -24.12
N TYR B 184 -10.35 -29.31 -22.94
CA TYR B 184 -11.02 -28.16 -22.33
C TYR B 184 -10.50 -27.84 -20.92
N LYS B 185 -10.61 -26.57 -20.54
CA LYS B 185 -10.40 -26.13 -19.17
C LYS B 185 -11.66 -25.42 -18.69
N THR B 186 -11.98 -25.56 -17.41
CA THR B 186 -13.15 -24.92 -16.85
C THR B 186 -12.79 -24.08 -15.63
N THR B 187 -13.30 -22.85 -15.59
CA THR B 187 -13.07 -21.98 -14.44
C THR B 187 -13.73 -22.58 -13.20
N PRO B 188 -13.22 -22.24 -12.01
CA PRO B 188 -14.00 -22.59 -10.82
C PRO B 188 -15.34 -21.81 -10.81
N PRO B 189 -16.34 -22.29 -10.05
CA PRO B 189 -17.57 -21.55 -9.86
C PRO B 189 -17.30 -20.21 -9.20
N VAL B 190 -17.95 -19.17 -9.68
CA VAL B 190 -17.82 -17.85 -9.10
C VAL B 190 -19.17 -17.48 -8.51
N LEU B 191 -19.19 -16.95 -7.29
CA LEU B 191 -20.45 -16.51 -6.67
C LEU B 191 -20.97 -15.28 -7.41
N ASP B 192 -22.22 -15.35 -7.88
CA ASP B 192 -22.81 -14.24 -8.62
C ASP B 192 -23.61 -13.30 -7.70
N SER B 193 -23.95 -12.11 -8.19
CA SER B 193 -24.59 -11.10 -7.33
C SER B 193 -26.02 -11.44 -6.90
N ASP B 194 -26.62 -12.44 -7.54
CA ASP B 194 -27.92 -12.94 -7.12
C ASP B 194 -27.80 -14.15 -6.19
N GLY B 195 -26.58 -14.51 -5.82
CA GLY B 195 -26.39 -15.60 -4.87
C GLY B 195 -26.35 -16.98 -5.51
N SER B 196 -26.49 -17.02 -6.84
CA SER B 196 -26.21 -18.24 -7.58
C SER B 196 -24.74 -18.24 -7.99
N PHE B 197 -24.33 -19.28 -8.70
CA PHE B 197 -22.97 -19.42 -9.17
C PHE B 197 -22.95 -19.44 -10.69
N PHE B 198 -21.80 -19.10 -11.26
CA PHE B 198 -21.64 -19.28 -12.69
C PHE B 198 -20.23 -19.74 -12.98
N LEU B 199 -20.04 -20.36 -14.13
CA LEU B 199 -18.69 -20.65 -14.61
C LEU B 199 -18.68 -20.55 -16.13
N TYR B 200 -17.49 -20.60 -16.69
CA TYR B 200 -17.31 -20.75 -18.12
C TYR B 200 -16.38 -21.94 -18.34
N SER B 201 -16.73 -22.78 -19.31
CA SER B 201 -15.80 -23.81 -19.74
C SER B 201 -15.38 -23.50 -21.16
N LYS B 202 -14.10 -23.73 -21.44
CA LYS B 202 -13.53 -23.43 -22.73
C LYS B 202 -12.93 -24.67 -23.37
N LEU B 203 -13.57 -25.12 -24.44
CA LEU B 203 -13.04 -26.21 -25.24
C LEU B 203 -12.22 -25.67 -26.42
N THR B 204 -10.99 -26.13 -26.54
CA THR B 204 -10.10 -25.73 -27.63
C THR B 204 -10.09 -26.79 -28.74
N VAL B 205 -10.49 -26.38 -29.95
CA VAL B 205 -10.51 -27.27 -31.12
C VAL B 205 -9.65 -26.70 -32.26
N ASP B 206 -9.16 -27.56 -33.15
CA ASP B 206 -8.53 -27.10 -34.39
C ASP B 206 -9.57 -26.32 -35.18
N LYS B 207 -9.17 -25.16 -35.69
CA LYS B 207 -10.09 -24.26 -36.40
C LYS B 207 -10.81 -24.95 -37.59
N SER B 208 -10.09 -25.82 -38.29
CA SER B 208 -10.64 -26.52 -39.43
C SER B 208 -11.87 -27.34 -39.03
N ARG B 209 -11.82 -27.97 -37.86
CA ARG B 209 -12.95 -28.77 -37.38
C ARG B 209 -14.19 -27.90 -37.19
N TRP B 210 -13.98 -26.67 -36.71
CA TRP B 210 -15.06 -25.72 -36.51
C TRP B 210 -15.56 -25.20 -37.83
N GLN B 211 -14.63 -24.88 -38.74
CA GLN B 211 -15.00 -24.41 -40.08
C GLN B 211 -15.80 -25.45 -40.86
N GLN B 212 -15.49 -26.72 -40.66
CA GLN B 212 -16.14 -27.80 -41.40
C GLN B 212 -17.49 -28.25 -40.81
N GLY B 213 -18.08 -27.41 -39.97
CA GLY B 213 -19.45 -27.62 -39.51
C GLY B 213 -19.71 -28.67 -38.42
N ASN B 214 -18.65 -29.27 -37.88
CA ASN B 214 -18.82 -30.27 -36.81
C ASN B 214 -19.51 -29.68 -35.58
N VAL B 215 -20.39 -30.48 -34.98
CA VAL B 215 -21.14 -30.06 -33.81
C VAL B 215 -20.40 -30.49 -32.53
N PHE B 216 -20.27 -29.55 -31.62
CA PHE B 216 -19.65 -29.81 -30.33
C PHE B 216 -20.69 -29.57 -29.26
N SER B 217 -20.58 -30.34 -28.18
CA SER B 217 -21.58 -30.30 -27.13
C SER B 217 -20.99 -30.13 -25.74
N CYS B 218 -21.56 -29.16 -25.04
CA CYS B 218 -21.23 -28.90 -23.67
C CYS B 218 -22.26 -29.67 -22.83
N SER B 219 -21.80 -30.58 -21.98
CA SER B 219 -22.71 -31.33 -21.13
C SER B 219 -22.50 -31.01 -19.65
N VAL B 220 -23.60 -30.79 -18.96
CA VAL B 220 -23.57 -30.28 -17.59
C VAL B 220 -24.36 -31.20 -16.67
N MET B 221 -23.73 -31.57 -15.56
CA MET B 221 -24.40 -32.31 -14.51
C MET B 221 -24.56 -31.45 -13.27
N HIS B 222 -25.79 -31.41 -12.75
CA HIS B 222 -26.15 -30.61 -11.58
C HIS B 222 -27.49 -31.08 -11.06
N GLU B 223 -27.66 -31.08 -9.73
CA GLU B 223 -28.84 -31.69 -9.09
C GLU B 223 -30.20 -31.12 -9.48
N ALA B 224 -30.24 -29.82 -9.80
CA ALA B 224 -31.49 -29.12 -10.07
C ALA B 224 -31.93 -29.22 -11.54
N LEU B 225 -31.06 -29.80 -12.38
CA LEU B 225 -31.43 -30.13 -13.75
C LEU B 225 -32.34 -31.36 -13.78
N HIS B 226 -33.18 -31.44 -14.81
CA HIS B 226 -33.98 -32.64 -15.07
C HIS B 226 -33.05 -33.80 -15.35
N ASN B 227 -33.24 -34.90 -14.60
CA ASN B 227 -32.34 -36.06 -14.64
C ASN B 227 -30.90 -35.72 -14.25
N ALA B 228 -30.72 -34.58 -13.58
CA ALA B 228 -29.41 -34.09 -13.16
C ALA B 228 -28.41 -33.98 -14.32
N TYR B 229 -28.93 -33.77 -15.52
CA TYR B 229 -28.13 -33.74 -16.75
C TYR B 229 -28.75 -32.84 -17.81
N THR B 230 -27.92 -32.10 -18.53
CA THR B 230 -28.33 -31.39 -19.74
C THR B 230 -27.15 -31.31 -20.71
N GLN B 231 -27.44 -31.04 -21.97
CA GLN B 231 -26.45 -30.98 -23.03
C GLN B 231 -26.87 -29.90 -24.01
N LYS B 232 -25.96 -29.00 -24.36
CA LYS B 232 -26.23 -27.97 -25.36
C LYS B 232 -25.20 -28.02 -26.46
N SER B 233 -25.66 -27.83 -27.70
CA SER B 233 -24.83 -28.00 -28.89
C SER B 233 -24.42 -26.66 -29.49
N LEU B 234 -23.36 -26.68 -30.31
CA LEU B 234 -22.78 -25.49 -30.91
C LEU B 234 -22.07 -25.87 -32.21
N SER B 235 -22.36 -25.15 -33.28
CA SER B 235 -21.70 -25.35 -34.58
C SER B 235 -21.73 -24.08 -35.44
N LEU B 236 -20.87 -24.03 -36.47
CA LEU B 236 -20.85 -22.91 -37.42
C LEU B 236 -21.89 -23.15 -38.50
N ASP C 1 2.47 6.84 -28.52
CA ASP C 1 1.10 7.31 -28.17
C ASP C 1 0.73 6.90 -26.73
N CYS C 2 -0.47 7.30 -26.29
CA CYS C 2 -0.91 7.11 -24.91
C CYS C 2 -2.21 6.33 -24.79
N ALA C 3 -2.35 5.58 -23.70
CA ALA C 3 -3.61 4.92 -23.40
C ALA C 3 -4.26 5.60 -22.22
N TRP C 4 -5.58 5.74 -22.29
CA TRP C 4 -6.35 6.34 -21.20
C TRP C 4 -7.46 5.43 -20.80
N HIS C 5 -7.87 5.53 -19.56
CA HIS C 5 -8.96 4.72 -19.02
C HIS C 5 -9.82 5.57 -18.13
N LEU C 6 -11.02 5.90 -18.60
CA LEU C 6 -11.94 6.81 -17.90
C LEU C 6 -11.22 8.08 -17.45
N GLY C 7 -10.59 8.77 -18.40
CA GLY C 7 -9.88 10.01 -18.15
C GLY C 7 -8.67 9.88 -17.24
N GLU C 8 -8.10 8.68 -17.17
CA GLU C 8 -6.89 8.45 -16.38
C GLU C 8 -5.78 7.83 -17.22
N LEU C 9 -4.59 8.39 -17.10
CA LEU C 9 -3.48 7.95 -17.91
C LEU C 9 -3.02 6.57 -17.46
N VAL C 10 -2.98 5.64 -18.41
CA VAL C 10 -2.47 4.30 -18.14
C VAL C 10 -0.97 4.29 -18.40
N TRP C 11 -0.58 4.64 -19.62
CA TRP C 11 0.77 4.43 -20.09
C TRP C 11 0.97 5.10 -21.42
N CYS C 12 2.20 5.54 -21.69
CA CYS C 12 2.60 6.02 -23.01
C CYS C 12 3.93 5.37 -23.36
N THR C 13 4.15 5.11 -24.65
CA THR C 13 5.39 4.46 -25.06
C THR C 13 6.56 5.44 -25.05
N GLY D 17 5.71 23.90 -21.82
CA GLY D 17 6.88 23.04 -22.18
C GLY D 17 7.60 22.44 -20.99
N PRO D 18 8.89 22.10 -21.17
CA PRO D 18 9.72 21.49 -20.12
C PRO D 18 9.90 22.39 -18.90
N SER D 19 10.20 21.77 -17.77
CA SER D 19 10.51 22.47 -16.52
C SER D 19 11.90 22.08 -16.02
N VAL D 20 12.56 23.00 -15.31
CA VAL D 20 13.93 22.78 -14.85
C VAL D 20 14.04 22.81 -13.34
N PHE D 21 14.73 21.82 -12.77
CA PHE D 21 15.05 21.83 -11.36
C PHE D 21 16.54 21.70 -11.10
N LEU D 22 17.11 22.67 -10.40
CA LEU D 22 18.55 22.68 -10.13
C LEU D 22 18.83 22.35 -8.67
N PHE D 23 19.56 21.25 -8.46
CA PHE D 23 19.81 20.69 -7.14
C PHE D 23 21.26 20.84 -6.67
N PRO D 24 21.45 21.10 -5.37
CA PRO D 24 22.78 21.21 -4.79
C PRO D 24 23.36 19.81 -4.54
N PRO D 25 24.66 19.73 -4.24
CA PRO D 25 25.23 18.44 -3.85
C PRO D 25 24.73 18.01 -2.47
N LYS D 26 24.95 16.75 -2.15
CA LYS D 26 24.67 16.22 -0.81
C LYS D 26 25.62 16.83 0.19
N PRO D 27 25.11 17.16 1.39
CA PRO D 27 25.96 17.64 2.48
C PRO D 27 27.23 16.82 2.64
N LYS D 28 27.10 15.49 2.75
CA LYS D 28 28.27 14.60 2.97
C LYS D 28 29.30 14.69 1.86
N ASP D 29 28.84 14.90 0.63
CA ASP D 29 29.69 14.99 -0.54
C ASP D 29 30.55 16.24 -0.56
N THR D 30 30.03 17.34 0.00
CA THR D 30 30.80 18.60 0.07
C THR D 30 31.77 18.59 1.25
N LEU D 31 31.39 17.86 2.30
CA LEU D 31 32.08 17.90 3.58
C LEU D 31 33.18 16.87 3.71
N MET D 32 33.11 15.82 2.88
CA MET D 32 34.10 14.76 2.89
C MET D 32 34.98 14.83 1.65
N ILE D 33 36.24 15.15 1.88
CA ILE D 33 37.23 15.28 0.83
C ILE D 33 37.34 13.98 0.01
N SER D 34 36.94 12.85 0.59
CA SER D 34 36.99 11.56 -0.09
C SER D 34 35.77 11.29 -0.99
N ARG D 35 34.87 12.26 -1.11
CA ARG D 35 33.69 12.13 -1.98
C ARG D 35 33.67 13.21 -3.04
N THR D 36 32.74 13.10 -3.99
CA THR D 36 32.70 14.01 -5.13
C THR D 36 31.34 14.69 -5.23
N PRO D 37 31.26 15.96 -4.80
CA PRO D 37 30.01 16.70 -4.88
C PRO D 37 29.69 17.08 -6.32
N GLU D 38 28.41 17.14 -6.63
CA GLU D 38 27.96 17.54 -7.97
C GLU D 38 26.63 18.29 -7.91
N VAL D 39 26.47 19.26 -8.82
CA VAL D 39 25.20 19.95 -8.96
C VAL D 39 24.45 19.33 -10.13
N THR D 40 23.13 19.22 -9.99
CA THR D 40 22.33 18.44 -10.92
C THR D 40 21.23 19.30 -11.55
N CYS D 41 21.27 19.42 -12.88
CA CYS D 41 20.24 20.14 -13.63
C CYS D 41 19.26 19.15 -14.26
N VAL D 42 18.10 19.04 -13.62
CA VAL D 42 17.07 18.08 -14.02
C VAL D 42 16.02 18.80 -14.84
N VAL D 43 15.86 18.34 -16.08
CA VAL D 43 14.84 18.86 -17.01
C VAL D 43 13.75 17.80 -17.18
N VAL D 44 12.55 18.12 -16.70
CA VAL D 44 11.39 17.24 -16.84
C VAL D 44 10.43 17.79 -17.89
N ASP D 45 9.47 16.97 -18.31
CA ASP D 45 8.45 17.34 -19.30
C ASP D 45 9.04 17.65 -20.68
N VAL D 46 10.16 17.01 -20.97
CA VAL D 46 10.77 17.03 -22.28
C VAL D 46 9.88 16.16 -23.15
N SER D 47 9.46 16.68 -24.31
CA SER D 47 8.56 15.96 -25.19
C SER D 47 9.29 14.94 -26.03
N HIS D 48 8.54 14.02 -26.62
CA HIS D 48 9.06 13.01 -27.54
C HIS D 48 9.31 13.54 -28.92
N GLU D 49 8.59 14.58 -29.29
CA GLU D 49 8.81 15.26 -30.57
C GLU D 49 10.14 16.02 -30.59
N ASP D 50 10.50 16.65 -29.47
CA ASP D 50 11.75 17.41 -29.35
C ASP D 50 12.54 17.04 -28.09
N PRO D 51 13.16 15.85 -28.08
CA PRO D 51 13.90 15.38 -26.91
C PRO D 51 15.24 16.11 -26.68
N GLU D 52 15.73 16.79 -27.72
CA GLU D 52 17.04 17.45 -27.68
C GLU D 52 17.07 18.62 -26.69
N VAL D 53 17.99 18.55 -25.73
CA VAL D 53 18.15 19.61 -24.75
C VAL D 53 19.58 20.12 -24.78
N LYS D 54 19.74 21.43 -24.92
CA LYS D 54 21.05 22.08 -24.85
C LYS D 54 21.29 22.55 -23.43
N PHE D 55 22.48 22.24 -22.91
CA PHE D 55 22.91 22.71 -21.61
C PHE D 55 24.07 23.69 -21.74
N ASN D 56 23.98 24.80 -21.02
CA ASN D 56 25.13 25.69 -20.81
C ASN D 56 25.32 25.89 -19.31
N TRP D 57 26.55 25.67 -18.84
CA TRP D 57 26.87 25.82 -17.42
C TRP D 57 27.77 26.98 -17.17
N TYR D 58 27.51 27.68 -16.07
CA TYR D 58 28.31 28.83 -15.70
C TYR D 58 28.72 28.75 -14.24
N VAL D 59 30.00 29.03 -13.97
CA VAL D 59 30.48 29.18 -12.59
C VAL D 59 30.90 30.64 -12.36
N ASP D 60 30.12 31.34 -11.52
CA ASP D 60 30.23 32.79 -11.36
C ASP D 60 30.14 33.51 -12.69
N GLY D 61 29.13 33.19 -13.50
CA GLY D 61 28.94 33.83 -14.80
C GLY D 61 29.97 33.47 -15.86
N VAL D 62 30.96 32.68 -15.49
CA VAL D 62 31.96 32.19 -16.45
C VAL D 62 31.52 30.81 -16.92
N GLU D 63 31.44 30.62 -18.23
CA GLU D 63 31.02 29.33 -18.78
C GLU D 63 32.07 28.26 -18.57
N VAL D 64 31.62 27.07 -18.16
CA VAL D 64 32.51 25.89 -18.03
C VAL D 64 32.04 24.79 -18.98
N HIS D 65 32.91 23.79 -19.23
CA HIS D 65 32.68 22.87 -20.34
C HIS D 65 32.82 21.42 -19.99
N ASN D 66 32.81 21.11 -18.70
CA ASN D 66 33.10 19.76 -18.23
C ASN D 66 31.90 19.05 -17.60
N ALA D 67 30.69 19.48 -17.96
CA ALA D 67 29.48 18.80 -17.48
C ALA D 67 29.26 17.53 -18.29
N LYS D 68 28.52 16.60 -17.70
CA LYS D 68 28.19 15.34 -18.34
C LYS D 68 26.70 15.12 -18.29
N THR D 69 26.12 14.72 -19.43
CA THR D 69 24.70 14.38 -19.51
C THR D 69 24.49 12.93 -19.14
N LYS D 70 23.58 12.69 -18.21
CA LYS D 70 23.22 11.37 -17.75
C LYS D 70 22.35 10.68 -18.79
N PRO D 71 22.25 9.34 -18.73
CA PRO D 71 21.38 8.65 -19.69
C PRO D 71 19.97 9.25 -19.71
N ARG D 72 19.40 9.41 -20.90
CA ARG D 72 18.02 9.87 -21.04
C ARG D 72 17.06 8.86 -20.43
N GLU D 73 16.05 9.35 -19.73
CA GLU D 73 15.15 8.46 -19.02
C GLU D 73 13.70 8.66 -19.46
N GLU D 74 13.18 7.66 -20.14
CA GLU D 74 11.76 7.58 -20.50
C GLU D 74 10.93 7.51 -19.22
N GLN D 75 9.92 8.37 -19.13
CA GLN D 75 9.06 8.43 -17.92
C GLN D 75 7.70 7.76 -18.10
N TYR D 76 7.38 7.38 -19.34
CA TYR D 76 6.16 6.62 -19.66
C TYR D 76 4.86 7.39 -19.47
N ASN D 77 4.98 8.69 -19.23
CA ASN D 77 3.83 9.58 -19.18
C ASN D 77 3.81 10.59 -20.32
N SER D 78 4.44 10.24 -21.44
CA SER D 78 4.56 11.13 -22.60
C SER D 78 5.87 11.95 -22.62
N THR D 79 6.62 11.90 -21.52
CA THR D 79 7.77 12.79 -21.33
C THR D 79 9.08 12.05 -21.04
N TYR D 80 10.18 12.72 -21.39
CA TYR D 80 11.51 12.28 -20.95
C TYR D 80 11.98 13.10 -19.76
N ARG D 81 12.93 12.54 -19.04
CA ARG D 81 13.68 13.25 -18.01
C ARG D 81 15.11 13.38 -18.56
N VAL D 82 15.60 14.61 -18.62
CA VAL D 82 16.95 14.90 -19.14
C VAL D 82 17.79 15.56 -18.05
N VAL D 83 19.00 15.04 -17.82
CA VAL D 83 19.79 15.43 -16.66
C VAL D 83 21.26 15.73 -16.99
N SER D 84 21.69 16.92 -16.62
CA SER D 84 23.09 17.30 -16.71
C SER D 84 23.71 17.43 -15.32
N VAL D 85 24.91 16.89 -15.20
CA VAL D 85 25.63 16.84 -13.94
C VAL D 85 26.95 17.60 -14.08
N LEU D 86 27.24 18.47 -13.12
CA LEU D 86 28.51 19.19 -13.10
C LEU D 86 29.22 18.93 -11.78
N THR D 87 30.38 18.31 -11.86
CA THR D 87 31.23 18.13 -10.69
C THR D 87 31.65 19.50 -10.20
N VAL D 88 31.71 19.67 -8.89
CA VAL D 88 32.17 20.92 -8.32
C VAL D 88 33.30 20.64 -7.34
N LEU D 89 34.21 21.58 -7.22
CA LEU D 89 35.29 21.46 -6.26
C LEU D 89 34.74 21.75 -4.87
N HIS D 90 35.23 21.03 -3.87
CA HIS D 90 34.81 21.21 -2.48
C HIS D 90 34.92 22.63 -2.00
N GLN D 91 36.07 23.28 -2.25
CA GLN D 91 36.26 24.66 -1.82
C GLN D 91 35.40 25.65 -2.60
N ASP D 92 35.20 25.40 -3.89
CA ASP D 92 34.33 26.26 -4.73
C ASP D 92 32.92 26.37 -4.14
N TRP D 93 32.32 25.24 -3.78
CA TRP D 93 30.98 25.23 -3.23
C TRP D 93 30.94 25.90 -1.89
N LEU D 94 31.91 25.55 -1.05
CA LEU D 94 31.95 26.05 0.31
C LEU D 94 32.29 27.54 0.38
N ASN D 95 33.03 28.04 -0.60
CA ASN D 95 33.33 29.48 -0.67
C ASN D 95 32.15 30.33 -1.16
N GLY D 96 31.10 29.68 -1.66
CA GLY D 96 29.86 30.36 -2.01
C GLY D 96 29.72 30.70 -3.48
N LYS D 97 30.50 30.02 -4.32
CA LYS D 97 30.40 30.22 -5.76
C LYS D 97 29.02 29.80 -6.30
N GLU D 98 28.62 30.44 -7.39
CA GLU D 98 27.27 30.25 -7.92
C GLU D 98 27.31 29.45 -9.20
N TYR D 99 26.40 28.49 -9.27
CA TYR D 99 26.30 27.63 -10.43
C TYR D 99 25.00 27.89 -11.17
N LYS D 100 25.13 28.23 -12.44
CA LYS D 100 23.98 28.50 -13.28
C LYS D 100 23.88 27.45 -14.35
N CYS D 101 22.68 26.89 -14.45
CA CYS D 101 22.34 25.97 -15.52
C CYS D 101 21.39 26.65 -16.51
N LYS D 102 21.79 26.70 -17.77
CA LYS D 102 20.95 27.22 -18.85
C LYS D 102 20.44 26.07 -19.72
N VAL D 103 19.12 26.01 -19.86
CA VAL D 103 18.45 24.94 -20.58
C VAL D 103 17.72 25.48 -21.82
N SER D 104 18.05 24.90 -22.98
CA SER D 104 17.39 25.27 -24.22
C SER D 104 16.74 24.06 -24.88
N ASN D 105 15.57 24.28 -25.51
CA ASN D 105 14.75 23.24 -26.09
C ASN D 105 13.73 23.90 -27.02
N LYS D 106 13.37 23.23 -28.12
CA LYS D 106 12.45 23.83 -29.09
C LYS D 106 11.04 24.12 -28.54
N ALA D 107 10.61 23.38 -27.53
CA ALA D 107 9.29 23.61 -26.91
C ALA D 107 9.33 24.81 -25.96
N LEU D 108 10.51 25.42 -25.85
CA LEU D 108 10.73 26.54 -24.95
C LEU D 108 10.76 27.83 -25.75
N PRO D 109 9.84 28.77 -25.46
CA PRO D 109 9.84 30.11 -26.08
C PRO D 109 11.17 30.82 -25.88
N ALA D 110 11.72 30.69 -24.68
CA ALA D 110 13.03 31.22 -24.34
C ALA D 110 13.74 30.24 -23.40
N PRO D 111 15.08 30.16 -23.48
CA PRO D 111 15.87 29.32 -22.57
C PRO D 111 15.50 29.53 -21.10
N ILE D 112 15.63 28.49 -20.28
CA ILE D 112 15.42 28.63 -18.83
C ILE D 112 16.75 28.65 -18.11
N GLU D 113 16.89 29.60 -17.19
CA GLU D 113 18.10 29.73 -16.38
C GLU D 113 17.76 29.43 -14.93
N LYS D 114 18.58 28.61 -14.29
CA LYS D 114 18.50 28.38 -12.86
C LYS D 114 19.89 28.54 -12.30
N THR D 115 19.96 29.14 -11.12
CA THR D 115 21.20 29.43 -10.42
C THR D 115 21.08 28.91 -8.99
N ILE D 116 22.15 28.28 -8.49
CA ILE D 116 22.20 27.88 -7.09
C ILE D 116 23.60 28.04 -6.48
N SER D 117 23.63 28.19 -5.16
CA SER D 117 24.87 28.20 -4.39
C SER D 117 24.55 27.77 -2.96
N LYS D 118 25.59 27.64 -2.15
CA LYS D 118 25.41 27.44 -0.73
C LYS D 118 24.60 28.61 -0.18
N ALA D 119 23.75 28.33 0.80
CA ALA D 119 23.00 29.36 1.51
C ALA D 119 23.94 30.48 2.01
N LYS D 120 23.54 31.72 1.78
CA LYS D 120 24.37 32.88 2.11
C LYS D 120 24.21 33.27 3.58
N GLY D 121 25.27 33.84 4.15
CA GLY D 121 25.28 34.14 5.58
C GLY D 121 26.50 33.52 6.24
N GLN D 122 26.90 34.09 7.37
CA GLN D 122 28.07 33.62 8.08
C GLN D 122 27.84 32.20 8.60
N PRO D 123 28.78 31.28 8.28
CA PRO D 123 28.78 29.92 8.82
C PRO D 123 28.88 29.90 10.34
N ARG D 124 28.09 29.04 10.98
CA ARG D 124 28.09 28.96 12.43
C ARG D 124 28.19 27.52 12.90
N GLU D 125 29.13 27.31 13.79
CA GLU D 125 29.51 26.01 14.29
C GLU D 125 28.44 25.42 15.21
N PRO D 126 28.01 24.19 14.93
CA PRO D 126 27.01 23.52 15.76
C PRO D 126 27.59 23.14 17.12
N GLN D 127 26.75 23.29 18.14
CA GLN D 127 27.04 22.78 19.48
C GLN D 127 26.29 21.45 19.56
N VAL D 128 27.02 20.38 19.85
CA VAL D 128 26.44 19.04 19.87
C VAL D 128 26.42 18.53 21.30
N TYR D 129 25.24 18.11 21.76
CA TYR D 129 25.07 17.60 23.12
C TYR D 129 24.36 16.25 23.10
N THR D 130 24.91 15.27 23.83
CA THR D 130 24.22 13.99 23.99
C THR D 130 23.37 14.01 25.24
N LEU D 131 22.14 13.53 25.12
CA LEU D 131 21.20 13.53 26.24
C LEU D 131 20.73 12.11 26.52
N PRO D 132 21.07 11.60 27.72
CA PRO D 132 20.69 10.23 28.08
C PRO D 132 19.17 10.06 28.14
N PRO D 133 18.67 8.81 28.15
CA PRO D 133 17.23 8.64 28.33
C PRO D 133 16.77 9.21 29.66
N SER D 134 15.53 9.67 29.70
CA SER D 134 14.90 10.09 30.94
C SER D 134 14.71 8.90 31.87
N ARG D 135 14.79 9.15 33.17
CA ARG D 135 14.46 8.15 34.20
C ARG D 135 13.11 7.50 33.90
N GLU D 136 12.13 8.28 33.46
CA GLU D 136 10.79 7.76 33.17
C GLU D 136 10.76 6.82 31.96
N GLU D 137 11.71 6.97 31.05
CA GLU D 137 11.75 6.10 29.87
C GLU D 137 12.32 4.71 30.16
N MET D 138 12.96 4.56 31.32
CA MET D 138 13.63 3.31 31.66
C MET D 138 12.68 2.13 31.96
N THR D 139 11.38 2.38 31.78
CA THR D 139 10.34 1.35 31.94
C THR D 139 10.22 0.46 30.71
N LYS D 140 10.47 1.04 29.54
CA LYS D 140 10.19 0.39 28.26
C LYS D 140 11.29 -0.60 27.85
N ASN D 141 11.01 -1.40 26.82
CA ASN D 141 11.97 -2.33 26.25
C ASN D 141 13.13 -1.62 25.55
N GLN D 142 12.86 -0.43 25.04
CA GLN D 142 13.82 0.32 24.28
C GLN D 142 13.84 1.75 24.78
N VAL D 143 15.01 2.37 24.74
CA VAL D 143 15.16 3.74 25.23
C VAL D 143 15.74 4.63 24.14
N SER D 144 15.54 5.94 24.30
CA SER D 144 15.92 6.95 23.30
C SER D 144 17.19 7.69 23.68
N LEU D 145 18.17 7.66 22.78
CA LEU D 145 19.40 8.44 22.95
C LEU D 145 19.33 9.65 22.04
N THR D 146 19.48 10.81 22.66
CA THR D 146 19.25 12.07 21.98
C THR D 146 20.56 12.77 21.67
N CYS D 147 20.71 13.15 20.41
CA CYS D 147 21.78 14.02 20.01
C CYS D 147 21.14 15.33 19.62
N MET D 148 21.44 16.37 20.40
CA MET D 148 20.94 17.72 20.16
C MET D 148 22.01 18.51 19.41
N VAL D 149 21.68 18.95 18.20
CA VAL D 149 22.63 19.74 17.42
C VAL D 149 22.07 21.15 17.21
N GLU D 150 22.72 22.15 17.80
CA GLU D 150 22.18 23.52 17.77
C GLU D 150 23.17 24.61 17.35
N GLY D 151 22.60 25.72 16.88
CA GLY D 151 23.39 26.91 16.56
C GLY D 151 24.17 26.81 15.27
N PHE D 152 23.71 25.98 14.34
CA PHE D 152 24.45 25.82 13.09
C PHE D 152 23.91 26.62 11.91
N TYR D 153 24.83 27.03 11.03
CA TYR D 153 24.49 27.67 9.77
C TYR D 153 25.62 27.45 8.76
N PRO D 154 25.29 27.10 7.49
CA PRO D 154 23.99 26.82 6.89
C PRO D 154 23.33 25.56 7.42
N SER D 155 22.09 25.33 7.01
CA SER D 155 21.32 24.17 7.49
C SER D 155 21.83 22.83 6.95
N ASP D 156 22.66 22.86 5.91
CA ASP D 156 23.27 21.64 5.37
C ASP D 156 24.15 20.98 6.43
N ILE D 157 23.82 19.74 6.75
CA ILE D 157 24.44 19.01 7.85
C ILE D 157 24.21 17.52 7.60
N ALA D 158 25.05 16.68 8.19
CA ALA D 158 24.79 15.24 8.26
C ALA D 158 25.08 14.70 9.67
N VAL D 159 24.17 13.84 10.14
CA VAL D 159 24.19 13.33 11.50
C VAL D 159 24.01 11.81 11.45
N GLU D 160 24.90 11.09 12.13
CA GLU D 160 24.91 9.62 12.14
C GLU D 160 25.23 9.12 13.54
N TRP D 161 25.08 7.81 13.75
CA TRP D 161 25.38 7.20 15.04
C TRP D 161 26.29 6.04 14.88
N GLU D 162 27.09 5.76 15.90
CA GLU D 162 27.92 4.58 15.90
C GLU D 162 28.15 4.03 17.31
N SER D 163 28.54 2.77 17.36
CA SER D 163 28.98 2.10 18.58
C SER D 163 29.97 1.01 18.19
N ASN D 164 31.07 0.91 18.93
CA ASN D 164 32.13 -0.08 18.65
C ASN D 164 32.68 -0.01 17.22
N GLY D 165 32.80 1.20 16.69
CA GLY D 165 33.32 1.42 15.34
C GLY D 165 32.38 1.01 14.21
N GLN D 166 31.12 0.73 14.57
CA GLN D 166 30.14 0.29 13.59
C GLN D 166 28.94 1.21 13.58
N PRO D 167 28.34 1.44 12.40
CA PRO D 167 27.18 2.32 12.33
C PRO D 167 25.99 1.75 13.10
N GLU D 168 25.26 2.62 13.80
CA GLU D 168 24.01 2.23 14.43
C GLU D 168 22.90 2.81 13.58
N ASN D 169 22.00 1.95 13.11
CA ASN D 169 21.04 2.36 12.09
C ASN D 169 19.65 2.70 12.58
N ASN D 170 19.31 2.30 13.80
CA ASN D 170 17.96 2.48 14.32
C ASN D 170 17.68 3.89 14.89
N TYR D 171 17.96 4.91 14.08
CA TYR D 171 17.76 6.29 14.51
C TYR D 171 16.92 7.08 13.51
N LYS D 172 16.32 8.17 14.00
CA LYS D 172 15.60 9.12 13.16
C LYS D 172 16.05 10.51 13.54
N THR D 173 16.20 11.38 12.55
CA THR D 173 16.63 12.74 12.78
C THR D 173 15.54 13.67 12.30
N THR D 174 15.23 14.69 13.10
CA THR D 174 14.29 15.73 12.66
C THR D 174 14.90 16.57 11.53
N PRO D 175 14.05 17.20 10.72
CA PRO D 175 14.66 18.18 9.80
C PRO D 175 15.24 19.36 10.58
N PRO D 176 16.22 20.09 10.00
CA PRO D 176 16.68 21.33 10.64
C PRO D 176 15.51 22.29 10.83
N VAL D 177 15.53 23.00 11.96
CA VAL D 177 14.49 23.96 12.29
C VAL D 177 15.14 25.31 12.48
N LEU D 178 14.52 26.36 11.97
CA LEU D 178 15.06 27.71 12.13
C LEU D 178 14.86 28.16 13.57
N ASP D 179 15.96 28.61 14.18
CA ASP D 179 15.91 29.08 15.55
C ASP D 179 15.79 30.60 15.65
N SER D 180 15.36 31.09 16.80
CA SER D 180 15.10 32.51 17.01
C SER D 180 16.33 33.41 16.79
N ASP D 181 17.52 32.85 16.88
CA ASP D 181 18.73 33.63 16.63
C ASP D 181 19.23 33.46 15.20
N GLY D 182 18.41 32.85 14.35
CA GLY D 182 18.71 32.79 12.93
C GLY D 182 19.63 31.65 12.53
N SER D 183 20.00 30.81 13.50
CA SER D 183 20.69 29.56 13.22
C SER D 183 19.67 28.41 13.16
N PHE D 184 20.15 27.21 12.90
CA PHE D 184 19.30 26.03 12.90
C PHE D 184 19.66 25.07 14.03
N PHE D 185 18.71 24.23 14.39
CA PHE D 185 18.95 23.15 15.31
C PHE D 185 18.18 21.93 14.84
N LEU D 186 18.63 20.76 15.27
CA LEU D 186 17.87 19.54 15.08
C LEU D 186 18.11 18.60 16.25
N TYR D 187 17.28 17.58 16.36
CA TYR D 187 17.55 16.49 17.28
C TYR D 187 17.66 15.19 16.48
N SER D 188 18.48 14.27 16.97
CA SER D 188 18.52 12.94 16.40
C SER D 188 18.27 11.95 17.52
N LYS D 189 17.42 10.96 17.25
CA LYS D 189 17.02 9.99 18.25
C LYS D 189 17.43 8.58 17.82
N LEU D 190 18.39 8.00 18.55
CA LEU D 190 18.75 6.60 18.36
C LEU D 190 17.97 5.75 19.36
N THR D 191 17.30 4.73 18.87
CA THR D 191 16.56 3.81 19.72
C THR D 191 17.35 2.51 19.90
N VAL D 192 17.65 2.19 21.15
CA VAL D 192 18.38 0.96 21.47
C VAL D 192 17.61 0.11 22.48
N ASP D 193 17.92 -1.19 22.50
CA ASP D 193 17.41 -2.08 23.53
C ASP D 193 17.94 -1.62 24.87
N LYS D 194 17.04 -1.58 25.86
CA LYS D 194 17.40 -1.12 27.20
C LYS D 194 18.55 -1.92 27.81
N SER D 195 18.58 -3.21 27.51
CA SER D 195 19.64 -4.10 28.00
C SER D 195 21.02 -3.66 27.49
N ARG D 196 21.09 -3.25 26.22
CA ARG D 196 22.35 -2.74 25.64
C ARG D 196 22.80 -1.47 26.34
N TRP D 197 21.85 -0.61 26.69
CA TRP D 197 22.13 0.62 27.40
C TRP D 197 22.56 0.33 28.81
N GLN D 198 21.84 -0.58 29.47
CA GLN D 198 22.14 -0.95 30.85
C GLN D 198 23.51 -1.59 31.03
N GLN D 199 24.05 -2.16 29.96
CA GLN D 199 25.34 -2.85 30.03
C GLN D 199 26.57 -1.94 29.92
N GLY D 200 26.33 -0.63 29.82
CA GLY D 200 27.41 0.35 29.85
C GLY D 200 28.10 0.65 28.54
N ASN D 201 27.59 0.10 27.45
CA ASN D 201 28.13 0.34 26.10
C ASN D 201 28.10 1.82 25.70
N VAL D 202 29.18 2.29 25.07
CA VAL D 202 29.27 3.67 24.60
C VAL D 202 28.63 3.82 23.23
N PHE D 203 27.77 4.82 23.09
CA PHE D 203 27.16 5.16 21.81
C PHE D 203 27.57 6.58 21.40
N SER D 204 27.83 6.76 20.12
CA SER D 204 28.33 8.04 19.64
C SER D 204 27.48 8.67 18.54
N CYS D 205 27.36 9.98 18.66
CA CYS D 205 26.72 10.82 17.66
C CYS D 205 27.82 11.49 16.84
N SER D 206 27.76 11.34 15.52
CA SER D 206 28.71 12.00 14.61
C SER D 206 28.05 13.12 13.83
N VAL D 207 28.69 14.28 13.80
CA VAL D 207 28.09 15.40 13.09
C VAL D 207 29.07 15.99 12.08
N MET D 208 28.59 16.14 10.85
CA MET D 208 29.35 16.76 9.78
C MET D 208 28.73 18.08 9.37
N HIS D 209 29.53 19.14 9.44
CA HIS D 209 29.12 20.48 9.12
C HIS D 209 30.35 21.25 8.77
N GLU D 210 30.21 22.21 7.86
CA GLU D 210 31.35 22.96 7.33
C GLU D 210 32.09 23.81 8.36
N ALA D 211 31.40 24.21 9.44
CA ALA D 211 31.97 25.16 10.40
C ALA D 211 32.56 24.46 11.61
N LEU D 212 32.52 23.12 11.62
CA LEU D 212 33.24 22.33 12.60
C LEU D 212 34.68 22.17 12.16
N HIS D 213 35.58 22.07 13.14
CA HIS D 213 36.98 21.78 12.86
C HIS D 213 37.04 20.48 12.12
N ASN D 214 37.72 20.49 10.96
CA ASN D 214 37.74 19.34 10.04
C ASN D 214 36.35 18.80 9.59
N HIS D 215 35.35 19.66 9.60
CA HIS D 215 33.99 19.32 9.19
C HIS D 215 33.39 18.17 9.97
N TYR D 216 33.83 17.99 11.21
CA TYR D 216 33.48 16.79 11.95
C TYR D 216 33.63 16.97 13.45
N THR D 217 32.63 16.45 14.17
CA THR D 217 32.76 16.23 15.60
C THR D 217 32.05 14.92 15.95
N GLN D 218 32.41 14.36 17.11
CA GLN D 218 31.83 13.12 17.59
C GLN D 218 31.58 13.28 19.08
N LYS D 219 30.38 12.95 19.52
CA LYS D 219 30.03 13.04 20.96
C LYS D 219 29.51 11.72 21.46
N SER D 220 30.03 11.30 22.61
CA SER D 220 29.71 10.01 23.17
C SER D 220 28.78 10.11 24.38
N LEU D 221 28.15 8.99 24.71
CA LEU D 221 27.18 8.90 25.78
C LEU D 221 27.14 7.47 26.20
N SER D 222 27.01 7.23 27.50
CA SER D 222 26.81 5.89 28.05
C SER D 222 26.10 5.95 29.41
N LEU D 223 25.66 4.79 29.90
CA LEU D 223 25.00 4.67 31.21
C LEU D 223 25.61 5.56 32.27
N SER D 224 26.95 5.60 32.31
CA SER D 224 27.66 6.43 33.26
C SER D 224 27.50 7.92 32.94
N GLY E 30 -12.66 26.46 -14.73
CA GLY E 30 -13.73 25.81 -13.92
C GLY E 30 -13.34 25.79 -12.45
N PRO E 31 -14.34 25.94 -11.55
CA PRO E 31 -14.05 26.02 -10.11
C PRO E 31 -13.38 24.77 -9.56
N SER E 32 -12.59 24.95 -8.50
CA SER E 32 -11.90 23.87 -7.79
C SER E 32 -12.28 23.87 -6.32
N VAL E 33 -12.27 22.69 -5.70
CA VAL E 33 -12.73 22.55 -4.32
C VAL E 33 -11.65 22.02 -3.39
N PHE E 34 -11.49 22.66 -2.24
CA PHE E 34 -10.59 22.18 -1.19
C PHE E 34 -11.30 22.08 0.15
N LEU E 35 -11.09 20.96 0.84
CA LEU E 35 -11.79 20.67 2.09
C LEU E 35 -10.79 20.52 3.22
N PHE E 36 -10.92 21.38 4.22
CA PHE E 36 -9.95 21.49 5.29
C PHE E 36 -10.51 20.99 6.61
N PRO E 37 -9.66 20.29 7.40
CA PRO E 37 -10.00 19.77 8.72
C PRO E 37 -10.08 20.89 9.76
N PRO E 38 -10.58 20.60 10.97
CA PRO E 38 -10.48 21.60 12.02
C PRO E 38 -9.04 21.75 12.55
N LYS E 39 -8.76 22.86 13.22
CA LYS E 39 -7.49 23.02 13.94
C LYS E 39 -7.41 22.00 15.07
N PRO E 40 -6.26 21.34 15.22
CA PRO E 40 -6.06 20.36 16.29
C PRO E 40 -6.45 20.88 17.68
N LYS E 41 -5.99 22.09 18.02
CA LYS E 41 -6.28 22.66 19.33
C LYS E 41 -7.79 22.84 19.54
N ASP E 42 -8.48 23.21 18.46
CA ASP E 42 -9.94 23.38 18.49
C ASP E 42 -10.65 22.08 18.82
N THR E 43 -10.19 20.97 18.22
CA THR E 43 -10.78 19.64 18.49
C THR E 43 -10.52 19.15 19.91
N LEU E 44 -9.38 19.53 20.47
CA LEU E 44 -8.90 19.02 21.77
C LEU E 44 -9.40 19.78 23.00
N GLU E 45 -9.87 21.00 22.78
CA GLU E 45 -10.35 21.84 23.87
C GLU E 45 -11.86 22.09 23.83
N ALA E 46 -12.52 21.65 24.89
CA ALA E 46 -13.98 21.79 25.04
C ALA E 46 -14.48 23.20 24.82
N SER E 47 -13.66 24.18 25.22
CA SER E 47 -14.02 25.60 25.12
C SER E 47 -13.89 26.20 23.73
N ARG E 48 -13.39 25.41 22.78
CA ARG E 48 -13.26 25.86 21.40
C ARG E 48 -14.20 25.11 20.46
N THR E 49 -14.51 25.71 19.31
CA THR E 49 -15.46 25.17 18.34
C THR E 49 -14.75 24.74 17.06
N PRO E 50 -14.51 23.42 16.91
CA PRO E 50 -13.87 22.91 15.69
C PRO E 50 -14.83 22.94 14.50
N GLU E 51 -14.30 23.19 13.31
CA GLU E 51 -15.13 23.25 12.11
C GLU E 51 -14.39 22.77 10.87
N VAL E 52 -15.14 22.16 9.95
CA VAL E 52 -14.60 21.82 8.63
C VAL E 52 -15.02 22.89 7.63
N THR E 53 -14.17 23.11 6.63
CA THR E 53 -14.32 24.24 5.74
C THR E 53 -14.21 23.79 4.30
N CYS E 54 -15.27 24.00 3.55
CA CYS E 54 -15.28 23.68 2.14
C CYS E 54 -15.07 24.96 1.34
N VAL E 55 -13.89 25.07 0.75
CA VAL E 55 -13.48 26.25 0.01
C VAL E 55 -13.59 26.01 -1.49
N VAL E 56 -14.32 26.88 -2.17
CA VAL E 56 -14.45 26.78 -3.62
C VAL E 56 -13.76 27.98 -4.27
N VAL E 57 -12.74 27.71 -5.08
CA VAL E 57 -12.02 28.77 -5.79
C VAL E 57 -12.37 28.79 -7.28
N ASP E 58 -11.91 29.84 -7.98
CA ASP E 58 -12.17 30.01 -9.41
C ASP E 58 -13.66 30.04 -9.76
N VAL E 59 -14.46 30.61 -8.85
CA VAL E 59 -15.88 30.79 -9.11
C VAL E 59 -16.08 32.05 -9.94
N SER E 60 -16.70 31.87 -11.10
CA SER E 60 -16.82 32.93 -12.10
C SER E 60 -17.83 34.01 -11.72
N HIS E 61 -17.59 35.22 -12.22
CA HIS E 61 -18.53 36.34 -12.09
C HIS E 61 -19.87 36.06 -12.68
N GLU E 62 -19.87 35.34 -13.82
CA GLU E 62 -21.10 35.05 -14.54
C GLU E 62 -21.99 34.03 -13.81
N ASP E 63 -21.37 33.12 -13.05
CA ASP E 63 -22.10 32.09 -12.28
C ASP E 63 -21.62 31.97 -10.83
N PRO E 64 -21.92 32.99 -9.99
CA PRO E 64 -21.39 32.98 -8.62
C PRO E 64 -22.12 32.00 -7.69
N GLU E 65 -23.30 31.54 -8.11
CA GLU E 65 -24.15 30.69 -7.28
C GLU E 65 -23.53 29.32 -7.08
N VAL E 66 -23.36 28.93 -5.81
CA VAL E 66 -22.75 27.65 -5.46
C VAL E 66 -23.62 26.90 -4.47
N LYS E 67 -24.01 25.69 -4.84
CA LYS E 67 -24.80 24.83 -3.96
C LYS E 67 -23.86 23.93 -3.18
N PHE E 68 -24.11 23.84 -1.87
CA PHE E 68 -23.37 22.95 -1.00
C PHE E 68 -24.32 21.92 -0.41
N ASN E 69 -23.91 20.66 -0.44
CA ASN E 69 -24.54 19.62 0.35
C ASN E 69 -23.47 19.02 1.23
N TRP E 70 -23.82 18.78 2.48
CA TRP E 70 -22.91 18.28 3.49
C TRP E 70 -23.43 16.99 4.03
N TYR E 71 -22.53 16.01 4.16
CA TYR E 71 -22.92 14.73 4.71
C TYR E 71 -21.97 14.36 5.82
N VAL E 72 -22.51 13.82 6.91
CA VAL E 72 -21.70 13.29 8.00
C VAL E 72 -21.95 11.78 8.09
N ASP E 73 -20.91 11.01 7.78
CA ASP E 73 -21.03 9.56 7.59
C ASP E 73 -22.05 9.20 6.51
N GLY E 74 -22.14 10.05 5.48
CA GLY E 74 -23.10 9.86 4.40
C GLY E 74 -24.51 10.26 4.71
N VAL E 75 -24.73 10.78 5.92
CA VAL E 75 -26.04 11.34 6.30
C VAL E 75 -26.01 12.85 6.03
N GLU E 76 -26.97 13.32 5.25
CA GLU E 76 -27.07 14.75 4.94
C GLU E 76 -27.43 15.58 6.17
N VAL E 77 -26.60 16.59 6.46
CA VAL E 77 -26.85 17.53 7.56
C VAL E 77 -27.13 18.93 7.00
N HIS E 78 -27.76 19.78 7.81
CA HIS E 78 -28.30 21.05 7.31
C HIS E 78 -27.91 22.30 8.04
N ASN E 79 -26.96 22.21 8.96
CA ASN E 79 -26.58 23.37 9.76
C ASN E 79 -25.28 24.06 9.32
N ALA E 80 -24.90 23.88 8.07
CA ALA E 80 -23.72 24.55 7.51
C ALA E 80 -24.00 26.02 7.25
N LYS E 81 -22.97 26.85 7.30
CA LYS E 81 -23.11 28.28 7.03
C LYS E 81 -22.13 28.74 5.96
N THR E 82 -22.64 29.57 5.06
CA THR E 82 -21.83 30.16 4.02
C THR E 82 -21.17 31.42 4.57
N LYS E 83 -19.85 31.47 4.41
CA LYS E 83 -19.06 32.64 4.73
C LYS E 83 -19.36 33.75 3.72
N PRO E 84 -19.03 35.02 4.06
CA PRO E 84 -19.18 36.08 3.06
C PRO E 84 -18.42 35.74 1.77
N ARG E 85 -19.05 35.96 0.61
CA ARG E 85 -18.38 35.83 -0.68
C ARG E 85 -17.16 36.75 -0.73
N GLU E 86 -16.06 36.26 -1.29
CA GLU E 86 -14.85 37.08 -1.38
C GLU E 86 -14.30 37.11 -2.80
N GLU E 87 -14.26 38.31 -3.37
CA GLU E 87 -13.63 38.57 -4.65
C GLU E 87 -12.11 38.43 -4.52
N GLN E 88 -11.49 37.80 -5.51
CA GLN E 88 -10.04 37.66 -5.57
C GLN E 88 -9.45 38.62 -6.60
N TYR E 89 -8.16 38.90 -6.47
CA TYR E 89 -7.44 39.81 -7.37
C TYR E 89 -7.52 39.42 -8.86
N ASN E 90 -7.68 38.13 -9.13
CA ASN E 90 -7.80 37.63 -10.50
C ASN E 90 -9.24 37.63 -11.05
N SER E 91 -10.07 38.49 -10.47
CA SER E 91 -11.49 38.65 -10.86
C SER E 91 -12.33 37.36 -10.85
N THR E 92 -12.10 36.52 -9.84
CA THR E 92 -12.93 35.35 -9.57
C THR E 92 -13.34 35.38 -8.10
N TYR E 93 -14.41 34.65 -7.75
CA TYR E 93 -14.85 34.58 -6.36
C TYR E 93 -14.26 33.37 -5.61
N ARG E 94 -14.14 33.54 -4.30
CA ARG E 94 -13.88 32.47 -3.37
C ARG E 94 -15.15 32.28 -2.55
N VAL E 95 -15.69 31.06 -2.57
CA VAL E 95 -16.94 30.76 -1.85
C VAL E 95 -16.67 29.66 -0.83
N VAL E 96 -17.11 29.88 0.41
CA VAL E 96 -16.72 29.02 1.52
C VAL E 96 -17.92 28.60 2.40
N SER E 97 -18.09 27.30 2.58
CA SER E 97 -19.09 26.79 3.49
C SER E 97 -18.39 26.22 4.70
N VAL E 98 -18.92 26.51 5.87
CA VAL E 98 -18.33 26.06 7.12
C VAL E 98 -19.34 25.19 7.88
N LEU E 99 -18.87 24.04 8.35
CA LEU E 99 -19.70 23.16 9.16
C LEU E 99 -19.07 22.96 10.52
N THR E 100 -19.77 23.39 11.56
CA THR E 100 -19.40 23.06 12.92
C THR E 100 -19.38 21.54 13.07
N VAL E 101 -18.38 21.02 13.78
CA VAL E 101 -18.36 19.59 14.12
C VAL E 101 -18.28 19.38 15.62
N LEU E 102 -18.78 18.24 16.07
CA LEU E 102 -18.68 17.90 17.48
C LEU E 102 -17.32 17.31 17.75
N HIS E 103 -16.74 17.66 18.90
CA HIS E 103 -15.40 17.22 19.28
C HIS E 103 -15.25 15.73 19.16
N GLN E 104 -16.24 15.01 19.70
CA GLN E 104 -16.18 13.55 19.78
C GLN E 104 -16.44 12.91 18.42
N ASP E 105 -17.19 13.59 17.55
CA ASP E 105 -17.48 13.12 16.19
C ASP E 105 -16.20 13.08 15.38
N TRP E 106 -15.48 14.19 15.38
CA TRP E 106 -14.23 14.30 14.63
C TRP E 106 -13.20 13.35 15.19
N LEU E 107 -13.15 13.23 16.52
CA LEU E 107 -12.18 12.36 17.17
C LEU E 107 -12.53 10.88 17.04
N ASN E 108 -13.82 10.56 16.94
CA ASN E 108 -14.24 9.17 16.72
C ASN E 108 -14.02 8.69 15.28
N GLY E 109 -13.75 9.64 14.37
CA GLY E 109 -13.37 9.32 13.01
C GLY E 109 -14.49 9.37 11.99
N LYS E 110 -15.48 10.22 12.22
CA LYS E 110 -16.59 10.40 11.28
C LYS E 110 -16.09 11.00 9.96
N GLU E 111 -16.77 10.66 8.87
CA GLU E 111 -16.39 11.12 7.54
C GLU E 111 -17.21 12.36 7.23
N TYR E 112 -16.53 13.41 6.78
CA TYR E 112 -17.20 14.64 6.39
C TYR E 112 -17.11 14.88 4.89
N LYS E 113 -18.27 14.91 4.25
CA LYS E 113 -18.34 15.09 2.82
C LYS E 113 -19.02 16.40 2.41
N CYS E 114 -18.31 17.17 1.61
CA CYS E 114 -18.82 18.38 0.99
C CYS E 114 -19.06 18.09 -0.49
N LYS E 115 -20.29 18.34 -0.97
CA LYS E 115 -20.60 18.26 -2.39
C LYS E 115 -20.92 19.65 -2.96
N VAL E 116 -20.13 20.07 -3.94
CA VAL E 116 -20.25 21.40 -4.52
C VAL E 116 -20.82 21.34 -5.93
N SER E 117 -21.87 22.14 -6.17
CA SER E 117 -22.50 22.24 -7.49
C SER E 117 -22.47 23.68 -7.99
N ASN E 118 -22.29 23.84 -9.29
CA ASN E 118 -22.14 25.15 -9.93
C ASN E 118 -22.34 25.00 -11.43
N LYS E 119 -23.03 25.96 -12.04
CA LYS E 119 -23.38 25.87 -13.46
C LYS E 119 -22.19 25.68 -14.40
N ALA E 120 -21.00 26.08 -13.95
CA ALA E 120 -19.76 25.91 -14.72
C ALA E 120 -19.05 24.56 -14.50
N LEU E 121 -19.70 23.66 -13.75
CA LEU E 121 -19.16 22.33 -13.49
C LEU E 121 -20.03 21.28 -14.18
N PRO E 122 -19.45 20.52 -15.13
CA PRO E 122 -20.18 19.45 -15.82
C PRO E 122 -20.88 18.52 -14.84
N ALA E 123 -20.22 18.29 -13.70
CA ALA E 123 -20.74 17.42 -12.65
C ALA E 123 -20.31 17.94 -11.28
N PRO E 124 -21.12 17.66 -10.24
CA PRO E 124 -20.79 18.15 -8.90
C PRO E 124 -19.45 17.60 -8.39
N ILE E 125 -18.74 18.38 -7.58
CA ILE E 125 -17.48 17.93 -7.01
C ILE E 125 -17.68 17.49 -5.57
N GLU E 126 -17.16 16.31 -5.26
CA GLU E 126 -17.28 15.74 -3.93
C GLU E 126 -15.89 15.59 -3.33
N LYS E 127 -15.77 16.00 -2.07
CA LYS E 127 -14.56 15.80 -1.29
C LYS E 127 -14.99 15.36 0.09
N THR E 128 -14.26 14.39 0.64
CA THR E 128 -14.54 13.85 1.96
C THR E 128 -13.26 13.95 2.75
N ILE E 129 -13.38 14.23 4.04
CA ILE E 129 -12.22 14.16 4.94
C ILE E 129 -12.59 13.57 6.30
N SER E 130 -11.57 13.07 6.99
CA SER E 130 -11.73 12.60 8.36
C SER E 130 -10.40 12.80 9.05
N LYS E 131 -10.40 12.51 10.35
CA LYS E 131 -9.18 12.46 11.12
C LYS E 131 -8.32 11.33 10.57
N ALA E 132 -7.00 11.47 10.68
CA ALA E 132 -6.08 10.44 10.25
C ALA E 132 -6.49 9.10 10.87
N LYS E 133 -6.71 8.12 10.00
CA LYS E 133 -7.11 6.78 10.41
C LYS E 133 -5.95 6.03 11.06
N GLY E 134 -6.30 5.15 11.99
CA GLY E 134 -5.30 4.37 12.69
C GLY E 134 -5.49 4.53 14.19
N GLN E 135 -5.28 3.45 14.92
CA GLN E 135 -5.45 3.46 16.36
C GLN E 135 -4.61 4.55 17.03
N PRO E 136 -5.26 5.47 17.76
CA PRO E 136 -4.55 6.53 18.46
C PRO E 136 -3.62 5.97 19.51
N ARG E 137 -2.43 6.57 19.64
CA ARG E 137 -1.45 6.14 20.63
C ARG E 137 -0.99 7.32 21.49
N GLU E 138 -0.91 7.07 22.79
CA GLU E 138 -0.60 8.10 23.77
C GLU E 138 0.86 8.53 23.68
N PRO E 139 1.07 9.86 23.56
CA PRO E 139 2.45 10.38 23.59
C PRO E 139 3.09 10.17 24.95
N GLN E 140 4.38 9.81 24.94
CA GLN E 140 5.20 9.73 26.13
C GLN E 140 6.02 11.00 26.15
N VAL E 141 5.82 11.81 27.21
CA VAL E 141 6.49 13.10 27.34
C VAL E 141 7.63 13.07 28.37
N TYR E 142 8.86 13.27 27.89
CA TYR E 142 10.03 13.32 28.76
C TYR E 142 10.79 14.63 28.61
N THR E 143 11.01 15.33 29.72
CA THR E 143 11.88 16.50 29.70
C THR E 143 13.30 16.04 29.95
N LEU E 144 14.24 16.67 29.28
CA LEU E 144 15.65 16.33 29.41
C LEU E 144 16.42 17.56 29.83
N PRO E 145 17.11 17.48 31.00
CA PRO E 145 17.88 18.60 31.53
C PRO E 145 18.99 18.95 30.56
N PRO E 146 19.43 20.22 30.57
CA PRO E 146 20.49 20.61 29.65
C PRO E 146 21.77 19.87 29.96
N SER E 147 22.54 19.59 28.91
CA SER E 147 23.85 18.96 29.02
C SER E 147 24.79 19.78 29.90
N ARG E 148 25.69 19.11 30.60
CA ARG E 148 26.77 19.76 31.35
C ARG E 148 27.60 20.72 30.47
N GLU E 149 27.84 20.30 29.23
CA GLU E 149 28.59 21.13 28.26
C GLU E 149 27.84 22.40 27.87
N ALA E 150 26.54 22.40 28.07
CA ALA E 150 25.71 23.54 27.70
C ALA E 150 25.76 24.67 28.73
N MET E 151 26.32 24.38 29.90
CA MET E 151 26.29 25.34 31.01
C MET E 151 27.34 26.44 30.91
N THR E 152 28.05 26.49 29.78
CA THR E 152 29.08 27.51 29.56
C THR E 152 28.54 28.71 28.75
N LYS E 153 27.33 28.56 28.23
CA LYS E 153 26.70 29.57 27.37
C LYS E 153 25.88 30.59 28.17
N ASN E 154 25.60 31.73 27.54
CA ASN E 154 24.69 32.74 28.11
C ASN E 154 23.26 32.22 28.27
N GLN E 155 22.80 31.42 27.30
CA GLN E 155 21.47 30.84 27.31
C GLN E 155 21.53 29.33 27.18
N VAL E 156 20.56 28.63 27.78
CA VAL E 156 20.51 27.17 27.74
C VAL E 156 19.23 26.61 27.12
N GLY E 157 19.38 25.50 26.39
CA GLY E 157 18.24 24.84 25.74
C GLY E 157 17.60 23.79 26.63
N LEU E 158 16.31 23.93 26.87
CA LEU E 158 15.57 22.96 27.65
C LEU E 158 14.77 22.07 26.71
N THR E 159 14.94 20.76 26.86
CA THR E 159 14.44 19.83 25.86
C THR E 159 13.22 19.08 26.39
N CYS E 160 12.21 19.00 25.53
CA CYS E 160 11.03 18.20 25.76
C CYS E 160 10.89 17.24 24.61
N LEU E 161 11.07 15.95 24.91
CA LEU E 161 10.85 14.87 23.95
C LEU E 161 9.43 14.31 24.11
N VAL E 162 8.73 14.25 22.99
CA VAL E 162 7.39 13.72 22.90
C VAL E 162 7.41 12.65 21.82
N LYS E 163 7.24 11.38 22.23
CA LYS E 163 7.30 10.28 21.28
C LYS E 163 6.13 9.30 21.39
N GLY E 164 6.00 8.46 20.37
CA GLY E 164 5.08 7.35 20.38
C GLY E 164 3.63 7.75 20.22
N PHE E 165 3.37 8.87 19.55
CA PHE E 165 2.00 9.32 19.43
C PHE E 165 1.38 9.11 18.04
N TYR E 166 0.08 8.88 18.04
CA TYR E 166 -0.70 8.78 16.81
C TYR E 166 -2.13 9.23 17.07
N PRO E 167 -2.69 10.08 16.18
CA PRO E 167 -2.10 10.68 14.97
C PRO E 167 -1.07 11.77 15.26
N SER E 168 -0.58 12.43 14.21
CA SER E 168 0.49 13.43 14.38
C SER E 168 0.00 14.81 14.87
N ASP E 169 -1.31 15.00 14.88
CA ASP E 169 -1.91 16.25 15.36
C ASP E 169 -1.65 16.42 16.85
N ILE E 170 -1.01 17.52 17.21
CA ILE E 170 -0.49 17.73 18.56
C ILE E 170 -0.17 19.21 18.78
N ALA E 171 -0.22 19.64 20.05
CA ALA E 171 0.19 20.99 20.40
C ALA E 171 1.15 20.95 21.58
N VAL E 172 2.30 21.59 21.44
CA VAL E 172 3.33 21.59 22.48
C VAL E 172 3.62 23.03 22.86
N GLU E 173 3.57 23.33 24.17
CA GLU E 173 3.81 24.68 24.68
C GLU E 173 4.64 24.64 25.96
N TRP E 174 5.12 25.80 26.37
CA TRP E 174 5.94 25.93 27.56
C TRP E 174 5.43 26.97 28.49
N GLU E 175 5.66 26.77 29.78
CA GLU E 175 5.36 27.79 30.76
C GLU E 175 6.26 27.71 31.98
N SER E 176 6.27 28.80 32.76
CA SER E 176 7.01 28.86 34.02
C SER E 176 6.23 29.77 34.97
N ASN E 177 6.08 29.33 36.21
CA ASN E 177 5.39 30.12 37.24
C ASN E 177 3.99 30.56 36.79
N GLY E 178 3.30 29.70 36.06
CA GLY E 178 1.92 29.93 35.63
C GLY E 178 1.76 30.88 34.46
N GLN E 179 2.86 31.24 33.81
CA GLN E 179 2.83 32.14 32.66
C GLN E 179 3.51 31.50 31.46
N PRO E 180 2.97 31.73 30.25
CA PRO E 180 3.52 31.09 29.06
C PRO E 180 4.93 31.57 28.73
N GLU E 181 5.77 30.65 28.27
CA GLU E 181 7.13 30.95 27.84
C GLU E 181 7.17 30.87 26.31
N ASN E 182 7.46 32.00 25.67
CA ASN E 182 7.38 32.11 24.22
C ASN E 182 8.64 31.71 23.46
N ASN E 183 9.79 31.67 24.12
CA ASN E 183 11.05 31.50 23.42
C ASN E 183 11.42 30.05 23.11
N TYR E 184 10.48 29.31 22.53
CA TYR E 184 10.74 27.94 22.12
C TYR E 184 10.54 27.72 20.63
N LYS E 185 11.13 26.63 20.14
CA LYS E 185 10.89 26.14 18.80
C LYS E 185 10.66 24.64 18.88
N THR E 186 9.72 24.15 18.08
CA THR E 186 9.36 22.73 18.07
C THR E 186 9.64 22.20 16.68
N THR E 187 10.26 21.02 16.60
CA THR E 187 10.45 20.32 15.33
C THR E 187 9.10 19.87 14.76
N PRO E 188 9.00 19.66 13.43
CA PRO E 188 7.81 18.98 12.95
C PRO E 188 7.75 17.53 13.49
N PRO E 189 6.54 16.91 13.52
CA PRO E 189 6.46 15.51 13.89
C PRO E 189 7.24 14.68 12.88
N VAL E 190 7.94 13.66 13.36
CA VAL E 190 8.72 12.80 12.49
C VAL E 190 8.15 11.42 12.64
N LEU E 191 7.87 10.79 11.51
CA LEU E 191 7.38 9.42 11.49
C LEU E 191 8.47 8.49 11.98
N ASP E 192 8.17 7.73 13.03
CA ASP E 192 9.12 6.78 13.62
C ASP E 192 8.97 5.39 13.03
N SER E 193 10.03 4.58 13.21
CA SER E 193 10.09 3.27 12.59
C SER E 193 8.93 2.36 13.02
N ASP E 194 8.35 2.62 14.18
CA ASP E 194 7.18 1.86 14.64
C ASP E 194 5.83 2.42 14.15
N GLY E 195 5.89 3.46 13.32
CA GLY E 195 4.67 4.00 12.74
C GLY E 195 3.90 4.98 13.63
N SER E 196 4.47 5.31 14.78
CA SER E 196 4.03 6.42 15.58
C SER E 196 4.89 7.65 15.23
N PHE E 197 4.55 8.80 15.80
CA PHE E 197 5.31 10.02 15.57
C PHE E 197 6.07 10.45 16.82
N PHE E 198 7.11 11.27 16.61
CA PHE E 198 7.82 11.92 17.69
C PHE E 198 8.24 13.32 17.29
N LEU E 199 8.46 14.17 18.29
CA LEU E 199 9.08 15.46 18.06
C LEU E 199 9.88 15.86 19.29
N TYR E 200 10.66 16.93 19.14
CA TYR E 200 11.36 17.58 20.23
C TYR E 200 10.97 19.06 20.26
N SER E 201 10.80 19.60 21.46
CA SER E 201 10.60 21.04 21.62
C SER E 201 11.75 21.59 22.45
N LYS E 202 12.24 22.77 22.05
CA LYS E 202 13.39 23.39 22.70
C LYS E 202 13.06 24.80 23.18
N LEU E 203 13.03 24.98 24.50
CA LEU E 203 12.86 26.30 25.09
C LEU E 203 14.23 26.85 25.47
N THR E 204 14.59 28.00 24.91
CA THR E 204 15.86 28.65 25.23
C THR E 204 15.62 29.69 26.31
N VAL E 205 16.33 29.55 27.42
CA VAL E 205 16.25 30.47 28.57
C VAL E 205 17.62 31.02 28.94
N ASP E 206 17.64 32.18 29.59
CA ASP E 206 18.87 32.72 30.20
C ASP E 206 19.38 31.74 31.26
N LYS E 207 20.69 31.50 31.25
CA LYS E 207 21.28 30.58 32.25
C LYS E 207 20.98 30.99 33.68
N SER E 208 20.99 32.31 33.93
CA SER E 208 20.70 32.85 35.26
C SER E 208 19.31 32.49 35.75
N ARG E 209 18.34 32.40 34.84
CA ARG E 209 16.99 31.92 35.16
C ARG E 209 16.96 30.43 35.49
N TRP E 210 17.80 29.65 34.80
CA TRP E 210 17.97 28.25 35.13
C TRP E 210 18.63 28.12 36.48
N GLN E 211 19.64 28.95 36.71
CA GLN E 211 20.36 28.93 37.99
C GLN E 211 19.53 29.48 39.15
N GLN E 212 18.60 30.38 38.85
CA GLN E 212 17.68 30.92 39.85
C GLN E 212 16.71 29.88 40.45
N GLY E 213 16.64 28.69 39.85
CA GLY E 213 15.80 27.60 40.36
C GLY E 213 14.39 27.56 39.78
N ASN E 214 14.11 28.46 38.84
CA ASN E 214 12.83 28.51 38.15
C ASN E 214 12.43 27.14 37.58
N VAL E 215 11.18 26.76 37.80
CA VAL E 215 10.66 25.49 37.28
C VAL E 215 10.04 25.73 35.89
N PHE E 216 10.53 25.00 34.90
CA PHE E 216 9.99 25.12 33.55
C PHE E 216 9.14 23.91 33.16
N SER E 217 8.00 24.18 32.53
CA SER E 217 7.04 23.15 32.19
C SER E 217 6.75 23.08 30.68
N CYS E 218 6.77 21.84 30.18
CA CYS E 218 6.41 21.47 28.84
C CYS E 218 4.99 20.92 28.89
N SER E 219 4.08 21.50 28.11
CA SER E 219 2.67 21.08 28.07
C SER E 219 2.30 20.48 26.73
N VAL E 220 1.66 19.32 26.75
CA VAL E 220 1.35 18.61 25.53
C VAL E 220 -0.15 18.32 25.45
N MET E 221 -0.74 18.71 24.32
CA MET E 221 -2.13 18.39 24.01
C MET E 221 -2.22 17.41 22.86
N HIS E 222 -2.83 16.26 23.14
CA HIS E 222 -3.05 15.19 22.18
C HIS E 222 -4.30 14.44 22.53
N GLU E 223 -5.00 13.88 21.54
CA GLU E 223 -6.26 13.16 21.80
C GLU E 223 -6.16 11.94 22.70
N ALA E 224 -5.00 11.26 22.68
CA ALA E 224 -4.81 9.98 23.36
C ALA E 224 -4.30 10.12 24.81
N LEU E 225 -4.12 11.35 25.27
CA LEU E 225 -3.80 11.61 26.66
C LEU E 225 -5.08 11.71 27.49
N HIS E 226 -4.98 11.38 28.77
CA HIS E 226 -6.06 11.62 29.73
C HIS E 226 -6.40 13.09 29.71
N ASN E 227 -7.67 13.41 29.49
CA ASN E 227 -8.14 14.80 29.37
C ASN E 227 -7.46 15.59 28.24
N ALA E 228 -6.86 14.88 27.29
CA ALA E 228 -6.20 15.47 26.13
C ALA E 228 -5.10 16.47 26.52
N TYR E 229 -4.43 16.18 27.64
CA TYR E 229 -3.47 17.11 28.23
C TYR E 229 -2.52 16.43 29.18
N THR E 230 -1.24 16.83 29.09
CA THR E 230 -0.26 16.47 30.09
C THR E 230 0.80 17.57 30.21
N GLN E 231 1.44 17.63 31.37
CA GLN E 231 2.48 18.62 31.66
C GLN E 231 3.64 17.92 32.34
N LYS E 232 4.87 18.22 31.90
CA LYS E 232 6.08 17.72 32.55
C LYS E 232 7.02 18.88 32.81
N SER E 233 7.70 18.86 33.95
CA SER E 233 8.47 20.02 34.36
C SER E 233 9.94 19.73 34.60
N LEU E 234 10.73 20.80 34.60
CA LEU E 234 12.17 20.69 34.67
C LEU E 234 12.71 21.87 35.48
N SER E 235 13.69 21.60 36.33
CA SER E 235 14.37 22.65 37.11
C SER E 235 15.80 22.26 37.48
N LEU E 236 16.57 23.24 37.91
CA LEU E 236 17.90 23.02 38.46
C LEU E 236 17.84 22.02 39.62
N ASP F 1 45.69 18.53 11.76
CA ASP F 1 45.28 17.11 11.92
C ASP F 1 44.14 16.72 10.96
N CYS F 2 43.73 15.45 11.04
CA CYS F 2 42.68 14.91 10.18
C CYS F 2 41.53 14.31 10.98
N ALA F 3 40.33 14.39 10.41
CA ALA F 3 39.17 13.72 10.97
C ALA F 3 38.79 12.52 10.10
N TRP F 4 38.28 11.47 10.71
CA TRP F 4 37.85 10.28 9.99
C TRP F 4 36.47 9.93 10.46
N HIS F 5 35.71 9.28 9.59
CA HIS F 5 34.39 8.78 9.93
C HIS F 5 34.23 7.37 9.43
N LEU F 6 34.38 6.42 10.35
CA LEU F 6 34.34 4.98 10.04
C LEU F 6 35.37 4.59 8.96
N GLY F 7 36.60 5.08 9.11
CA GLY F 7 37.68 4.75 8.19
C GLY F 7 37.79 5.68 6.98
N GLU F 8 36.68 6.31 6.60
CA GLU F 8 36.68 7.23 5.46
C GLU F 8 37.15 8.62 5.89
N LEU F 9 38.02 9.23 5.09
CA LEU F 9 38.59 10.53 5.40
C LEU F 9 37.55 11.65 5.27
N VAL F 10 37.41 12.48 6.30
CA VAL F 10 36.49 13.63 6.23
C VAL F 10 37.22 14.86 5.71
N TRP F 11 38.22 15.31 6.46
CA TRP F 11 38.88 16.59 6.18
C TRP F 11 40.12 16.74 6.99
N CYS F 12 41.08 17.46 6.44
CA CYS F 12 42.33 17.75 7.13
C CYS F 12 42.63 19.24 7.11
N THR F 13 43.12 19.76 8.24
CA THR F 13 43.58 21.14 8.29
C THR F 13 45.08 21.19 8.00
C1 NAG G . -5.40 -12.31 15.65
C2 NAG G . -4.86 -13.67 15.20
C3 NAG G . -4.11 -13.53 13.88
C4 NAG G . -4.90 -12.74 12.85
C5 NAG G . -5.43 -11.44 13.47
C6 NAG G . -6.35 -10.70 12.51
C7 NAG G . -4.39 -15.23 17.00
C8 NAG G . -3.39 -15.70 18.02
N2 NAG G . -4.00 -14.23 16.22
O3 NAG G . -3.78 -14.81 13.37
O4 NAG G . -4.10 -12.41 11.73
O5 NAG G . -6.17 -11.75 14.62
O6 NAG G . -7.28 -11.64 12.02
O7 NAG G . -5.49 -15.75 16.92
C1 NAG G . -4.37 -13.28 10.62
C2 NAG G . -4.26 -12.50 9.32
C3 NAG G . -4.41 -13.41 8.11
C4 NAG G . -3.46 -14.61 8.19
C5 NAG G . -3.57 -15.29 9.56
C6 NAG G . -2.46 -16.29 9.75
C7 NAG G . -4.96 -10.15 9.02
C8 NAG G . -6.10 -9.18 9.00
N2 NAG G . -5.26 -11.43 9.27
O3 NAG G . -4.12 -12.66 6.95
O4 NAG G . -3.76 -15.57 7.21
O5 NAG G . -3.46 -14.36 10.62
O6 NAG G . -2.62 -16.83 11.04
O7 NAG G . -3.81 -9.75 8.83
C1 BMA G . -2.93 -15.45 6.03
C2 BMA G . -2.64 -16.85 5.49
C3 BMA G . -2.06 -16.84 4.08
C4 BMA G . -2.84 -15.92 3.16
C5 BMA G . -2.94 -14.54 3.78
C6 BMA G . -3.77 -13.59 2.91
O2 BMA G . -3.83 -17.63 5.47
O3 BMA G . -2.15 -18.16 3.54
O4 BMA G . -2.14 -15.87 1.90
O5 BMA G . -3.58 -14.63 5.06
O6 BMA G . -4.08 -12.45 3.72
C1 MAN G . -4.84 -11.47 2.99
C2 MAN G . -4.71 -10.13 3.71
C3 MAN G . -5.42 -10.15 5.06
C4 MAN G . -6.88 -10.51 4.81
C5 MAN G . -7.02 -11.80 4.00
C6 MAN G . -8.47 -12.03 3.59
O2 MAN G . -5.33 -9.13 2.95
O3 MAN G . -5.35 -8.87 5.66
O4 MAN G . -7.56 -10.59 6.05
O5 MAN G . -6.21 -11.82 2.83
O6 MAN G . -8.57 -13.30 2.99
C1 NAG G . -4.40 -8.49 2.08
C2 NAG G . -5.18 -7.97 0.88
C3 NAG G . -4.29 -7.13 -0.06
C4 NAG G . -3.21 -6.30 0.65
C5 NAG G . -2.64 -7.01 1.89
C6 NAG G . -1.69 -6.18 2.74
C7 NAG G . -7.01 -9.48 0.27
C8 NAG G . -7.43 -10.66 -0.57
N2 NAG G . -5.73 -9.09 0.14
O3 NAG G . -5.12 -6.26 -0.80
O4 NAG G . -2.19 -6.01 -0.29
O5 NAG G . -3.70 -7.45 2.71
O6 NAG G . -2.31 -4.96 3.07
O7 NAG G . -7.82 -8.93 1.02
C1 GAL G . -2.03 -4.58 -0.43
C2 GAL G . -1.00 -4.25 -1.52
C3 GAL G . -0.88 -2.73 -1.70
C4 GAL G . -2.23 -2.03 -1.79
C5 GAL G . -3.15 -2.49 -0.64
C6 GAL G . -4.54 -1.84 -0.74
O2 GAL G . 0.28 -4.77 -1.25
O3 GAL G . -0.12 -2.49 -2.87
O4 GAL G . -2.85 -2.30 -3.03
O5 GAL G . -3.26 -3.90 -0.65
O6 GAL G . -5.39 -2.34 0.27
C1 MAN G . -0.83 -18.71 3.32
C2 MAN G . -0.91 -19.85 2.30
C3 MAN G . -1.63 -21.05 2.91
C4 MAN G . -1.14 -21.41 4.32
C5 MAN G . -0.96 -20.16 5.20
C6 MAN G . -0.26 -20.47 6.53
O2 MAN G . 0.39 -20.21 1.87
O3 MAN G . -1.47 -22.16 2.06
O4 MAN G . -2.10 -22.24 4.92
O5 MAN G . -0.22 -19.17 4.52
O6 MAN G . -0.95 -19.85 7.59
C1 FUC G . -8.47 -10.95 11.63
C2 FUC G . -9.17 -11.73 10.52
C3 FUC G . -9.84 -13.00 11.05
C4 FUC G . -10.68 -12.72 12.29
C5 FUC G . -9.89 -11.90 13.31
C6 FUC G . -10.76 -11.49 14.49
O2 FUC G . -8.25 -12.06 9.50
O3 FUC G . -10.66 -13.58 10.05
O4 FUC G . -11.84 -12.02 11.89
O5 FUC G . -9.35 -10.72 12.72
C1 NAG H . 3.90 -34.56 6.86
C2 NAG H . 3.30 -33.29 7.45
C3 NAG H . 1.79 -33.27 7.24
C4 NAG H . 1.43 -33.51 5.76
C5 NAG H . 2.17 -34.74 5.26
C6 NAG H . 1.89 -35.03 3.79
C7 NAG H . 4.63 -32.35 9.28
C8 NAG H . 4.85 -32.27 10.77
N2 NAG H . 3.63 -33.11 8.86
O3 NAG H . 1.26 -32.05 7.70
O4 NAG H . 0.04 -33.69 5.61
O5 NAG H . 3.57 -34.63 5.48
O6 NAG H . 2.44 -33.98 3.04
O7 NAG H . 5.37 -31.70 8.52
C1 NAG H . -0.59 -32.50 5.11
C2 NAG H . -1.77 -32.85 4.21
C3 NAG H . -2.58 -31.60 3.79
C4 NAG H . -2.76 -30.58 4.92
C5 NAG H . -1.40 -30.38 5.62
C6 NAG H . -1.39 -29.32 6.71
C7 NAG H . -1.70 -34.77 2.66
C8 NAG H . -1.09 -35.33 1.40
N2 NAG H . -1.30 -33.55 3.03
O3 NAG H . -3.83 -31.97 3.28
O4 NAG H . -3.19 -29.33 4.41
O5 NAG H . -0.98 -31.61 6.14
O6 NAG H . -2.28 -29.68 7.73
O7 NAG H . -2.52 -35.44 3.27
C1 BMA H . -4.61 -29.18 4.32
C2 BMA H . -5.01 -27.77 4.78
C3 BMA H . -6.42 -27.33 4.37
C4 BMA H . -6.86 -27.83 3.00
C5 BMA H . -6.47 -29.29 2.79
C6 BMA H . -6.80 -29.75 1.38
O2 BMA H . -4.08 -26.82 4.25
O3 BMA H . -6.43 -25.91 4.26
O4 BMA H . -8.29 -27.70 2.94
O5 BMA H . -5.06 -29.44 3.00
O6 BMA H . -6.29 -31.08 1.29
C1 MAN H . -6.38 -31.58 -0.05
C2 MAN H . -6.13 -33.10 -0.01
C3 MAN H . -4.65 -33.39 0.24
C4 MAN H . -3.73 -32.55 -0.68
C5 MAN H . -4.13 -31.07 -0.64
C6 MAN H . -3.28 -30.21 -1.57
O2 MAN H . -6.51 -33.70 -1.23
O3 MAN H . -4.39 -34.76 0.04
O4 MAN H . -2.40 -32.73 -0.25
O5 MAN H . -5.50 -30.92 -0.95
O6 MAN H . -3.91 -30.05 -2.82
C1 NAG H . -7.91 -34.06 -1.19
C2 NAG H . -8.50 -33.96 -2.60
C3 NAG H . -9.94 -34.46 -2.65
C4 NAG H . -10.16 -35.76 -1.85
C5 NAG H . -9.51 -35.61 -0.48
C6 NAG H . -9.71 -36.80 0.46
C7 NAG H . -7.41 -32.04 -3.69
C8 NAG H . -7.52 -30.59 -4.05
N2 NAG H . -8.45 -32.57 -3.03
O3 NAG H . -10.34 -34.64 -4.00
O4 NAG H . -11.54 -36.01 -1.72
O5 NAG H . -8.13 -35.35 -0.64
O6 NAG H . -9.09 -37.97 -0.04
O7 NAG H . -6.40 -32.68 -3.99
C1 GAL H . -11.93 -37.31 -2.19
C2 GAL H . -13.41 -37.57 -1.94
C3 GAL H . -13.84 -38.96 -2.41
C4 GAL H . -13.30 -39.30 -3.80
C5 GAL H . -11.83 -38.86 -3.97
C6 GAL H . -11.34 -39.04 -5.41
O2 GAL H . -13.74 -37.44 -0.56
O3 GAL H . -15.25 -39.02 -2.39
O4 GAL H . -14.12 -38.73 -4.80
O5 GAL H . -11.65 -37.52 -3.57
O6 GAL H . -10.41 -40.10 -5.44
C1 MAN H . -7.25 -25.32 5.27
C2 MAN H . -7.31 -23.83 4.95
C3 MAN H . -6.51 -22.97 5.92
C4 MAN H . -6.71 -23.33 7.39
C5 MAN H . -7.15 -24.79 7.65
C6 MAN H . -8.65 -24.93 7.94
O2 MAN H . -8.67 -23.41 4.91
O3 MAN H . -6.85 -21.62 5.72
O4 MAN H . -5.49 -23.12 8.07
O5 MAN H . -6.75 -25.62 6.57
O6 MAN H . -8.95 -24.51 9.25
C1 FUC H . 2.69 -34.43 1.69
C2 FUC H . 2.58 -33.21 0.77
C3 FUC H . 3.75 -32.25 1.02
C4 FUC H . 5.10 -32.98 0.99
C5 FUC H . 5.06 -34.27 1.83
C6 FUC H . 6.34 -35.08 1.70
O2 FUC H . 1.36 -32.56 1.02
O3 FUC H . 3.72 -31.20 0.08
O4 FUC H . 5.47 -33.26 -0.34
O5 FUC H . 3.93 -35.07 1.51
C1 NAG I . 6.02 12.64 -15.91
C2 NAG I . 5.40 13.95 -15.40
C3 NAG I . 6.45 14.80 -14.71
C4 NAG I . 7.26 14.01 -13.67
C5 NAG I . 7.73 12.68 -14.30
C6 NAG I . 8.44 11.76 -13.30
C7 NAG I . 3.51 14.79 -16.70
C8 NAG I . 3.06 15.55 -17.91
N2 NAG I . 4.82 14.67 -16.52
O3 NAG I . 5.78 15.89 -14.14
O4 NAG I . 8.40 14.74 -13.23
O5 NAG I . 6.61 11.99 -14.80
O6 NAG I . 7.44 11.35 -12.40
O7 NAG I . 2.68 14.32 -15.92
C1 NAG I . 8.17 15.41 -11.98
C2 NAG I . 9.44 15.32 -11.12
C3 NAG I . 9.33 16.12 -9.83
C4 NAG I . 8.80 17.54 -10.10
C5 NAG I . 7.59 17.49 -11.03
C6 NAG I . 7.14 18.88 -11.42
C7 NAG I . 11.00 13.49 -11.15
C8 NAG I . 11.29 12.05 -10.84
N2 NAG I . 9.78 13.94 -10.84
O3 NAG I . 10.58 16.20 -9.18
O4 NAG I . 8.38 18.15 -8.90
O5 NAG I . 7.88 16.77 -12.22
O6 NAG I . 5.90 18.72 -12.07
O7 NAG I . 11.86 14.20 -11.66
C1 BMA I . 9.43 18.96 -8.32
C2 BMA I . 8.77 20.15 -7.65
C3 BMA I . 9.76 20.96 -6.80
C4 BMA I . 10.60 20.07 -5.90
C5 BMA I . 11.23 18.92 -6.71
C6 BMA I . 11.99 17.94 -5.81
O2 BMA I . 7.70 19.69 -6.82
O3 BMA I . 9.03 21.88 -5.97
O4 BMA I . 11.60 20.87 -5.28
O5 BMA I . 10.22 18.20 -7.41
O6 BMA I . 12.41 16.86 -6.66
C1 MAN I . 13.24 15.92 -5.97
C2 MAN I . 13.97 15.03 -6.99
C3 MAN I . 12.97 14.08 -7.66
C4 MAN I . 12.15 13.31 -6.62
C5 MAN I . 11.56 14.25 -5.56
C6 MAN I . 10.94 13.49 -4.39
O2 MAN I . 14.94 14.24 -6.34
O3 MAN I . 13.67 13.17 -8.48
O4 MAN I . 11.11 12.63 -7.30
O5 MAN I . 12.56 15.12 -5.03
O6 MAN I . 10.03 14.35 -3.74
C1 NAG I . 16.20 14.89 -6.17
C2 NAG I . 16.83 14.29 -4.91
C3 NAG I . 18.27 14.74 -4.68
C4 NAG I . 19.10 14.75 -5.96
C5 NAG I . 18.32 15.33 -7.15
C6 NAG I . 19.04 15.16 -8.48
C7 NAG I . 15.18 13.75 -3.19
C8 NAG I . 14.40 14.25 -2.01
N2 NAG I . 16.01 14.63 -3.75
O3 NAG I . 18.85 13.82 -3.79
O4 NAG I . 20.29 15.50 -5.69
O5 NAG I . 17.07 14.68 -7.26
O6 NAG I . 19.13 13.79 -8.81
O7 NAG I . 15.04 12.59 -3.61
C1 GAL I . 21.46 14.75 -6.07
C2 GAL I . 22.75 15.57 -5.90
C3 GAL I . 23.95 14.74 -6.37
C4 GAL I . 23.95 13.32 -5.83
C5 GAL I . 22.57 12.67 -5.98
C6 GAL I . 22.50 11.26 -5.39
O2 GAL I . 22.72 16.78 -6.62
O3 GAL I . 25.12 15.39 -5.98
O4 GAL I . 24.33 13.36 -4.47
O5 GAL I . 21.58 13.51 -5.38
O6 GAL I . 21.59 10.49 -6.15
C1 MAN I . 9.34 23.26 -6.26
C2 MAN I . 8.93 24.11 -5.06
C3 MAN I . 7.41 24.09 -4.89
C4 MAN I . 6.65 24.31 -6.21
C5 MAN I . 7.30 23.61 -7.42
C6 MAN I . 6.73 24.08 -8.75
O2 MAN I . 9.40 25.44 -5.20
O3 MAN I . 7.02 25.07 -3.95
O4 MAN I . 5.37 23.76 -6.03
O5 MAN I . 8.71 23.77 -7.42
O6 MAN I . 6.55 22.97 -9.59
C1 FUC I . 7.86 10.32 -11.50
C2 FUC I . 7.40 10.77 -10.11
C3 FUC I . 5.87 10.94 -10.13
C4 FUC I . 5.22 9.63 -10.58
C5 FUC I . 5.82 9.16 -11.90
C6 FUC I . 5.28 7.79 -12.32
O2 FUC I . 8.02 11.98 -9.76
O3 FUC I . 5.38 11.30 -8.86
O4 FUC I . 5.40 8.66 -9.59
O5 FUC I . 7.24 9.09 -11.82
C1 NAG J . -7.06 33.28 -8.28
C2 NAG J . -6.48 31.97 -8.80
C3 NAG J . -6.71 30.85 -7.79
C4 NAG J . -6.28 31.27 -6.38
C5 NAG J . -6.89 32.65 -6.03
C6 NAG J . -6.46 33.18 -4.66
C7 NAG J . -6.46 31.59 -11.25
C8 NAG J . -7.31 31.24 -12.44
N2 NAG J . -7.11 31.64 -10.08
O3 NAG J . -6.03 29.67 -8.18
O4 NAG J . -6.74 30.34 -5.42
O5 NAG J . -6.53 33.59 -7.02
O6 NAG J . -5.10 32.93 -4.46
O7 NAG J . -5.27 31.80 -11.40
C1 NAG J . -5.73 29.41 -5.01
C2 NAG J . -5.95 29.07 -3.54
C3 NAG J . -5.03 27.95 -3.07
C4 NAG J . -5.10 26.74 -3.99
C5 NAG J . -5.00 27.15 -5.47
C6 NAG J . -5.37 25.98 -6.38
C7 NAG J . -6.81 30.66 -1.86
C8 NAG J . -6.54 31.86 -1.02
N2 NAG J . -5.83 30.24 -2.66
O3 NAG J . -5.37 27.58 -1.75
O4 NAG J . -4.02 25.87 -3.74
O5 NAG J . -5.83 28.24 -5.80
O6 NAG J . -4.92 26.25 -7.68
O7 NAG J . -7.92 30.12 -1.80
C1 BMA J . -4.37 24.76 -2.89
C2 BMA J . -3.66 23.49 -3.38
C3 BMA J . -3.79 22.34 -2.37
C4 BMA J . -3.45 22.80 -0.96
C5 BMA J . -4.25 24.04 -0.58
C6 BMA J . -3.86 24.60 0.78
O2 BMA J . -2.28 23.78 -3.61
O3 BMA J . -2.91 21.26 -2.71
O4 BMA J . -3.76 21.73 -0.05
O5 BMA J . -4.02 25.08 -1.55
O6 BMA J . -4.47 25.90 0.87
C1 MAN J . -4.38 26.44 2.19
C2 MAN J . -5.51 27.45 2.44
C3 MAN J . -5.33 28.67 1.54
C4 MAN J . -3.92 29.26 1.68
C5 MAN J . -2.86 28.17 1.54
C6 MAN J . -1.46 28.69 1.83
O2 MAN J . -5.46 27.93 3.76
O3 MAN J . -6.26 29.65 1.91
O4 MAN J . -3.75 30.27 0.72
O5 MAN J . -3.14 27.08 2.42
O6 MAN J . -0.65 27.59 2.15
C1 NAG J . -6.25 27.17 4.67
C2 NAG J . -5.60 27.33 6.05
C3 NAG J . -6.42 26.66 7.16
C4 NAG J . -7.91 26.94 7.04
C5 NAG J . -8.40 26.81 5.59
C6 NAG J . -9.86 27.21 5.40
C7 NAG J . -3.18 27.59 5.73
C8 NAG J . -1.84 26.90 5.74
N2 NAG J . -4.23 26.82 6.02
O3 NAG J . -5.96 27.10 8.41
O4 NAG J . -8.59 26.05 7.90
O5 NAG J . -7.61 27.58 4.71
O6 NAG J . -10.08 28.54 5.81
O7 NAG J . -3.25 28.79 5.49
C1 GAL J . -9.43 26.73 8.87
C2 GAL J . -10.14 25.75 9.81
C3 GAL J . -11.06 26.50 10.78
C4 GAL J . -10.35 27.71 11.43
C5 GAL J . -9.62 28.55 10.38
C6 GAL J . -8.86 29.72 11.00
O2 GAL J . -10.91 24.78 9.12
O3 GAL J . -11.50 25.62 11.78
O4 GAL J . -9.45 27.26 12.41
O5 GAL J . -8.74 27.70 9.64
O6 GAL J . -8.38 30.57 9.97
C1 MAN J . -3.67 20.10 -3.14
C2 MAN J . -3.48 18.92 -2.17
C3 MAN J . -2.11 18.26 -2.30
C4 MAN J . -1.69 18.06 -3.75
C5 MAN J . -2.01 19.28 -4.64
C6 MAN J . -1.78 18.94 -6.11
O2 MAN J . -4.50 17.95 -2.38
O3 MAN J . -2.11 17.01 -1.64
O4 MAN J . -0.30 17.80 -3.80
O5 MAN J . -3.35 19.70 -4.46
O6 MAN J . -2.15 20.05 -6.89
C1 FUC J . -4.44 34.08 -3.90
C2 FUC J . -3.19 33.62 -3.14
C3 FUC J . -2.17 33.06 -4.14
C4 FUC J . -1.86 34.10 -5.22
C5 FUC J . -3.15 34.63 -5.86
C6 FUC J . -2.91 35.77 -6.85
O2 FUC J . -3.54 32.66 -2.18
O3 FUC J . -1.00 32.67 -3.46
O4 FUC J . -1.11 35.16 -4.66
O5 FUC J . -4.07 35.07 -4.85
#